data_2KQF
#
_entry.id   2KQF
#
loop_
_entity.id
_entity.type
_entity.pdbx_description
1 polymer 'Microtubule-associated serine/threonine-protein kinase 2'
2 polymer 'C-terminal motif from Glycoprotein'
#
loop_
_entity_poly.entity_id
_entity_poly.type
_entity_poly.pdbx_seq_one_letter_code
_entity_poly.pdbx_strand_id
1 'polypeptide(L)'
;GGSMRPPIIIHRAGKKYGFTLRAIRVYMGDSDVYTVHHMVWHVEDGGPASEAGLRQGDLITHVNGEPVHGLVHTEVVELI
LKSGNKVAISTTPLEN
;
A
2 'polypeptide(L)' SWESHKSGGETRL B
#
# COMPACT_ATOMS: atom_id res chain seq x y z
N GLY A 1 13.27 8.02 -11.79
CA GLY A 1 12.66 7.97 -10.44
C GLY A 1 13.66 7.56 -9.37
N GLY A 2 13.42 6.41 -8.76
CA GLY A 2 14.30 5.91 -7.72
C GLY A 2 14.45 4.42 -7.77
N SER A 3 15.46 3.90 -7.09
CA SER A 3 15.71 2.47 -7.07
C SER A 3 15.79 1.97 -5.63
N MET A 4 15.33 0.75 -5.42
CA MET A 4 15.32 0.11 -4.10
C MET A 4 14.43 0.85 -3.12
N ARG A 5 13.15 0.52 -3.14
CA ARG A 5 12.18 1.15 -2.25
C ARG A 5 12.41 0.65 -0.83
N PRO A 6 12.37 1.53 0.18
CA PRO A 6 12.60 1.16 1.58
C PRO A 6 11.34 0.72 2.30
N PRO A 7 11.25 -0.57 2.70
CA PRO A 7 10.09 -1.09 3.43
C PRO A 7 9.99 -0.56 4.85
N ILE A 8 8.84 -0.02 5.17
CA ILE A 8 8.57 0.51 6.49
C ILE A 8 7.91 -0.58 7.32
N ILE A 9 8.63 -1.03 8.33
CA ILE A 9 8.12 -2.09 9.18
C ILE A 9 7.10 -1.57 10.18
N ILE A 10 5.82 -1.78 9.88
CA ILE A 10 4.75 -1.38 10.81
C ILE A 10 4.68 -2.45 11.90
N HIS A 11 3.95 -2.18 12.95
CA HIS A 11 3.78 -3.13 14.03
C HIS A 11 2.39 -2.97 14.60
N ARG A 12 1.57 -4.00 14.44
CA ARG A 12 0.22 -4.00 14.93
C ARG A 12 0.23 -3.98 16.45
N ALA A 13 0.02 -2.80 17.02
CA ALA A 13 0.00 -2.64 18.48
C ALA A 13 -1.32 -3.14 19.07
N GLY A 14 -1.65 -4.39 18.79
CA GLY A 14 -2.86 -4.99 19.29
C GLY A 14 -4.11 -4.42 18.66
N LYS A 15 -3.96 -3.72 17.55
CA LYS A 15 -5.10 -3.14 16.86
C LYS A 15 -4.97 -3.23 15.34
N LYS A 16 -4.20 -2.34 14.74
CA LYS A 16 -4.02 -2.34 13.29
C LYS A 16 -2.72 -1.66 12.89
N TYR A 17 -2.44 -1.64 11.60
CA TYR A 17 -1.23 -1.02 11.07
C TYR A 17 -1.45 0.46 10.82
N GLY A 18 -2.66 0.90 11.15
CA GLY A 18 -3.02 2.29 11.03
C GLY A 18 -2.80 2.94 9.67
N PHE A 19 -3.26 2.31 8.62
CA PHE A 19 -3.17 2.91 7.28
C PHE A 19 -4.09 2.24 6.28
N THR A 20 -4.57 3.06 5.38
CA THR A 20 -5.51 2.65 4.32
C THR A 20 -4.82 2.25 3.00
N LEU A 21 -5.02 1.00 2.57
CA LEU A 21 -4.45 0.54 1.30
C LEU A 21 -5.45 0.73 0.16
N ARG A 22 -5.47 1.94 -0.39
CA ARG A 22 -6.38 2.27 -1.48
C ARG A 22 -5.99 1.54 -2.77
N ALA A 23 -6.90 0.74 -3.32
CA ALA A 23 -6.64 0.01 -4.55
C ALA A 23 -6.99 0.85 -5.76
N ILE A 24 -6.13 0.88 -6.78
CA ILE A 24 -6.40 1.65 -7.98
C ILE A 24 -5.71 1.09 -9.22
N ARG A 25 -6.47 0.45 -10.08
CA ARG A 25 -5.94 -0.07 -11.34
C ARG A 25 -5.80 1.09 -12.32
N VAL A 26 -4.59 1.57 -12.48
CA VAL A 26 -4.33 2.70 -13.36
C VAL A 26 -4.33 2.29 -14.83
N TYR A 27 -5.40 2.62 -15.54
CA TYR A 27 -5.50 2.33 -16.95
C TYR A 27 -4.68 3.34 -17.74
N MET A 28 -4.18 2.93 -18.90
CA MET A 28 -3.38 3.82 -19.73
C MET A 28 -4.25 4.60 -20.69
N GLY A 29 -5.55 4.33 -20.65
CA GLY A 29 -6.47 5.02 -21.53
C GLY A 29 -7.69 4.18 -21.83
N ASP A 30 -8.06 4.11 -23.11
CA ASP A 30 -9.22 3.33 -23.52
C ASP A 30 -8.85 1.87 -23.70
N SER A 31 -7.55 1.62 -23.82
CA SER A 31 -7.05 0.27 -24.00
C SER A 31 -7.20 -0.56 -22.72
N ASP A 32 -7.07 -1.88 -22.85
CA ASP A 32 -7.21 -2.80 -21.72
C ASP A 32 -5.97 -2.83 -20.84
N VAL A 33 -4.93 -2.10 -21.24
CA VAL A 33 -3.70 -2.08 -20.46
C VAL A 33 -3.83 -1.19 -19.24
N TYR A 34 -3.51 -1.77 -18.10
CA TYR A 34 -3.57 -1.07 -16.82
C TYR A 34 -2.67 -1.75 -15.79
N THR A 35 -2.22 -0.99 -14.82
CA THR A 35 -1.38 -1.54 -13.76
C THR A 35 -2.11 -1.49 -12.43
N VAL A 36 -2.15 -2.61 -11.73
CA VAL A 36 -2.82 -2.67 -10.44
C VAL A 36 -1.91 -2.13 -9.33
N HIS A 37 -2.10 -0.88 -8.97
CA HIS A 37 -1.30 -0.25 -7.93
C HIS A 37 -2.14 0.01 -6.69
N HIS A 38 -1.48 0.52 -5.66
CA HIS A 38 -2.11 0.83 -4.38
C HIS A 38 -1.39 1.99 -3.74
N MET A 39 -2.09 2.75 -2.91
CA MET A 39 -1.49 3.92 -2.26
C MET A 39 -2.11 4.13 -0.90
N VAL A 40 -1.29 4.52 0.07
CA VAL A 40 -1.80 4.74 1.41
C VAL A 40 -2.62 6.03 1.44
N TRP A 41 -3.93 5.84 1.46
CA TRP A 41 -4.88 6.93 1.46
C TRP A 41 -4.86 7.70 2.76
N HIS A 42 -4.67 6.97 3.83
CA HIS A 42 -4.67 7.55 5.15
C HIS A 42 -3.96 6.67 6.15
N VAL A 43 -2.99 7.23 6.82
CA VAL A 43 -2.25 6.50 7.82
C VAL A 43 -2.37 7.20 9.17
N GLU A 44 -2.82 6.45 10.14
CA GLU A 44 -3.03 6.93 11.50
C GLU A 44 -1.74 7.35 12.16
N ASP A 45 -1.57 8.65 12.34
CA ASP A 45 -0.38 9.21 12.98
C ASP A 45 -0.53 9.12 14.50
N GLY A 46 -0.91 7.94 14.97
CA GLY A 46 -1.10 7.74 16.39
C GLY A 46 -0.40 6.50 16.93
N GLY A 47 0.51 5.92 16.14
CA GLY A 47 1.21 4.75 16.64
C GLY A 47 1.79 3.84 15.57
N PRO A 48 0.95 3.14 14.79
CA PRO A 48 1.38 2.20 13.74
C PRO A 48 2.25 2.75 12.59
N ALA A 49 1.83 2.44 11.35
CA ALA A 49 2.55 2.80 10.12
C ALA A 49 3.12 4.22 10.10
N SER A 50 2.39 5.19 10.65
CA SER A 50 2.86 6.57 10.64
C SER A 50 4.17 6.71 11.43
N GLU A 51 4.14 6.31 12.69
CA GLU A 51 5.32 6.40 13.54
C GLU A 51 6.44 5.52 13.00
N ALA A 52 6.05 4.46 12.32
CA ALA A 52 7.01 3.55 11.72
C ALA A 52 7.82 4.25 10.64
N GLY A 53 7.20 5.25 10.01
CA GLY A 53 7.87 6.00 8.97
C GLY A 53 7.03 6.16 7.72
N LEU A 54 5.86 5.53 7.70
CA LEU A 54 4.98 5.61 6.55
C LEU A 54 4.35 6.99 6.42
N ARG A 55 4.75 7.70 5.38
CA ARG A 55 4.22 9.02 5.12
C ARG A 55 3.00 8.90 4.21
N GLN A 56 1.86 9.40 4.70
CA GLN A 56 0.61 9.39 3.93
C GLN A 56 0.80 9.94 2.52
N GLY A 57 0.13 9.31 1.56
CA GLY A 57 0.22 9.75 0.17
C GLY A 57 1.33 9.05 -0.60
N ASP A 58 1.85 7.97 -0.04
CA ASP A 58 2.92 7.20 -0.68
C ASP A 58 2.35 6.04 -1.47
N LEU A 59 3.07 5.65 -2.51
CA LEU A 59 2.66 4.54 -3.36
C LEU A 59 3.40 3.28 -2.93
N ILE A 60 2.67 2.21 -2.73
CA ILE A 60 3.26 0.95 -2.31
C ILE A 60 3.72 0.16 -3.52
N THR A 61 4.98 -0.20 -3.52
CA THR A 61 5.56 -0.95 -4.62
C THR A 61 5.67 -2.43 -4.25
N HIS A 62 6.00 -2.70 -2.98
CA HIS A 62 6.17 -4.07 -2.50
C HIS A 62 5.67 -4.20 -1.07
N VAL A 63 5.43 -5.43 -0.65
CA VAL A 63 5.00 -5.71 0.70
C VAL A 63 5.63 -6.99 1.21
N ASN A 64 6.45 -6.87 2.25
CA ASN A 64 7.13 -8.02 2.85
C ASN A 64 8.00 -8.75 1.83
N GLY A 65 8.42 -8.04 0.79
CA GLY A 65 9.22 -8.64 -0.25
C GLY A 65 8.37 -9.38 -1.26
N GLU A 66 7.26 -8.76 -1.62
CA GLU A 66 6.34 -9.31 -2.56
C GLU A 66 5.62 -8.18 -3.28
N PRO A 67 5.93 -7.99 -4.57
CA PRO A 67 5.32 -6.97 -5.42
C PRO A 67 3.80 -6.96 -5.28
N VAL A 68 3.30 -5.78 -5.03
CA VAL A 68 1.87 -5.57 -4.87
C VAL A 68 1.24 -5.32 -6.22
N HIS A 69 2.12 -5.07 -7.14
CA HIS A 69 1.80 -4.80 -8.51
C HIS A 69 1.01 -5.96 -9.12
N GLY A 70 -0.30 -5.84 -9.11
CA GLY A 70 -1.15 -6.88 -9.66
C GLY A 70 -2.08 -7.47 -8.62
N LEU A 71 -1.80 -7.17 -7.35
CA LEU A 71 -2.62 -7.68 -6.25
C LEU A 71 -3.92 -6.90 -6.15
N VAL A 72 -5.00 -7.60 -5.83
CA VAL A 72 -6.31 -6.96 -5.71
C VAL A 72 -6.43 -6.22 -4.37
N HIS A 73 -7.49 -5.42 -4.24
CA HIS A 73 -7.77 -4.62 -3.05
C HIS A 73 -7.52 -5.36 -1.75
N THR A 74 -8.03 -6.58 -1.67
CA THR A 74 -7.92 -7.37 -0.45
C THR A 74 -6.64 -8.22 -0.41
N GLU A 75 -5.97 -8.37 -1.54
CA GLU A 75 -4.76 -9.17 -1.59
C GLU A 75 -3.62 -8.49 -0.84
N VAL A 76 -3.48 -7.18 -1.01
CA VAL A 76 -2.43 -6.44 -0.31
C VAL A 76 -2.66 -6.50 1.19
N VAL A 77 -3.91 -6.25 1.57
CA VAL A 77 -4.32 -6.31 2.96
C VAL A 77 -3.98 -7.67 3.55
N GLU A 78 -4.34 -8.73 2.84
CA GLU A 78 -4.07 -10.09 3.29
C GLU A 78 -2.59 -10.33 3.42
N LEU A 79 -1.83 -9.87 2.42
CA LEU A 79 -0.38 -10.02 2.41
C LEU A 79 0.20 -9.45 3.71
N ILE A 80 -0.37 -8.34 4.15
CA ILE A 80 0.06 -7.68 5.37
C ILE A 80 -0.37 -8.49 6.60
N LEU A 81 -1.66 -8.86 6.66
CA LEU A 81 -2.18 -9.64 7.77
C LEU A 81 -1.43 -10.96 7.91
N LYS A 82 -1.07 -11.53 6.76
CA LYS A 82 -0.34 -12.78 6.68
C LYS A 82 1.01 -12.69 7.38
N SER A 83 1.66 -11.56 7.21
CA SER A 83 2.98 -11.32 7.80
C SER A 83 2.96 -11.55 9.31
N GLY A 84 1.86 -11.18 9.95
CA GLY A 84 1.75 -11.37 11.39
C GLY A 84 1.36 -10.12 12.12
N ASN A 85 2.10 -9.77 13.16
CA ASN A 85 1.81 -8.58 13.94
C ASN A 85 2.59 -7.39 13.43
N LYS A 86 3.13 -7.53 12.25
CA LYS A 86 3.90 -6.48 11.60
C LYS A 86 4.06 -6.77 10.13
N VAL A 87 4.68 -5.85 9.42
CA VAL A 87 4.88 -6.01 7.98
C VAL A 87 5.79 -4.92 7.37
N ALA A 88 6.57 -5.33 6.38
CA ALA A 88 7.48 -4.44 5.65
C ALA A 88 6.81 -3.84 4.42
N ILE A 89 6.28 -2.65 4.56
CA ILE A 89 5.61 -1.97 3.45
C ILE A 89 6.60 -1.14 2.63
N SER A 90 6.84 -1.54 1.38
CA SER A 90 7.77 -0.83 0.52
C SER A 90 7.06 0.30 -0.22
N THR A 91 7.39 1.53 0.15
CA THR A 91 6.81 2.70 -0.48
C THR A 91 7.85 3.40 -1.36
N THR A 92 7.39 4.29 -2.22
CA THR A 92 8.31 4.97 -3.13
C THR A 92 8.66 6.38 -2.66
N PRO A 93 9.89 6.59 -2.13
CA PRO A 93 10.34 7.92 -1.69
C PRO A 93 10.23 8.98 -2.77
N LEU A 94 10.55 10.21 -2.40
CA LEU A 94 10.50 11.34 -3.31
C LEU A 94 11.52 11.17 -4.42
N GLU A 95 11.35 11.94 -5.48
CA GLU A 95 12.25 11.90 -6.63
C GLU A 95 12.07 13.15 -7.48
N ASN A 96 13.08 13.44 -8.29
CA ASN A 96 13.04 14.61 -9.16
C ASN A 96 12.22 14.31 -10.41
N SER B 1 -5.97 6.39 -15.50
CA SER B 1 -5.45 6.23 -14.13
C SER B 1 -6.56 6.43 -13.10
N TRP B 2 -6.51 5.64 -12.01
CA TRP B 2 -7.49 5.71 -10.93
C TRP B 2 -8.83 5.10 -11.38
N GLU B 3 -9.22 3.98 -10.77
CA GLU B 3 -10.46 3.30 -11.16
C GLU B 3 -11.02 2.44 -10.03
N SER B 4 -10.17 1.64 -9.40
CA SER B 4 -10.61 0.72 -8.36
C SER B 4 -10.84 1.37 -7.00
N HIS B 5 -11.10 2.67 -6.99
CA HIS B 5 -11.35 3.37 -5.73
C HIS B 5 -12.67 2.88 -5.12
N LYS B 6 -13.56 2.41 -6.00
CA LYS B 6 -14.84 1.88 -5.58
C LYS B 6 -14.88 0.36 -5.83
N SER B 7 -14.00 -0.10 -6.70
CA SER B 7 -13.91 -1.52 -7.02
C SER B 7 -13.12 -2.24 -5.94
N GLY B 8 -13.82 -2.71 -4.93
CA GLY B 8 -13.17 -3.40 -3.83
C GLY B 8 -13.52 -2.78 -2.50
N GLY B 9 -14.13 -1.60 -2.55
CA GLY B 9 -14.51 -0.91 -1.34
C GLY B 9 -13.46 0.06 -0.86
N GLU B 10 -13.28 0.13 0.45
CA GLU B 10 -12.29 1.02 1.07
C GLU B 10 -11.62 0.29 2.23
N THR B 11 -11.19 -0.94 1.96
CA THR B 11 -10.54 -1.76 2.96
C THR B 11 -9.20 -1.13 3.39
N ARG B 12 -8.96 -1.12 4.68
CA ARG B 12 -7.73 -0.55 5.21
C ARG B 12 -7.07 -1.50 6.21
N LEU B 13 -5.86 -1.14 6.61
CA LEU B 13 -5.09 -1.95 7.54
C LEU B 13 -5.12 -1.31 8.92
N GLY A 1 12.43 8.19 -12.32
CA GLY A 1 11.70 7.86 -11.07
C GLY A 1 12.65 7.52 -9.94
N GLY A 2 12.57 6.29 -9.44
CA GLY A 2 13.42 5.87 -8.36
C GLY A 2 13.61 4.36 -8.35
N SER A 3 14.58 3.90 -7.58
CA SER A 3 14.86 2.49 -7.48
C SER A 3 15.06 2.09 -6.02
N MET A 4 14.83 0.81 -5.72
CA MET A 4 14.98 0.28 -4.37
C MET A 4 14.09 1.01 -3.38
N ARG A 5 12.81 0.66 -3.35
CA ARG A 5 11.87 1.27 -2.45
C ARG A 5 12.14 0.79 -1.03
N PRO A 6 12.21 1.70 -0.05
CA PRO A 6 12.49 1.34 1.34
C PRO A 6 11.24 0.88 2.11
N PRO A 7 11.20 -0.39 2.53
CA PRO A 7 10.07 -0.91 3.29
C PRO A 7 10.02 -0.36 4.69
N ILE A 8 8.89 0.22 5.03
CA ILE A 8 8.67 0.77 6.34
C ILE A 8 8.04 -0.30 7.20
N ILE A 9 8.78 -0.79 8.16
CA ILE A 9 8.31 -1.85 9.02
C ILE A 9 7.33 -1.35 10.08
N ILE A 10 6.04 -1.57 9.84
CA ILE A 10 5.03 -1.19 10.80
C ILE A 10 5.04 -2.26 11.90
N HIS A 11 4.41 -1.97 13.02
CA HIS A 11 4.33 -2.93 14.09
C HIS A 11 2.97 -2.79 14.74
N ARG A 12 2.17 -3.84 14.62
CA ARG A 12 0.84 -3.84 15.18
C ARG A 12 0.88 -3.73 16.70
N ALA A 13 0.36 -2.61 17.20
CA ALA A 13 0.34 -2.35 18.63
C ALA A 13 -0.88 -2.99 19.28
N GLY A 14 -1.17 -4.24 18.90
CA GLY A 14 -2.31 -4.94 19.46
C GLY A 14 -3.63 -4.50 18.85
N LYS A 15 -3.56 -3.61 17.87
CA LYS A 15 -4.75 -3.10 17.21
C LYS A 15 -4.64 -3.26 15.70
N LYS A 16 -3.97 -2.32 15.05
CA LYS A 16 -3.82 -2.35 13.60
C LYS A 16 -2.62 -1.52 13.16
N TYR A 17 -2.40 -1.47 11.85
CA TYR A 17 -1.32 -0.71 11.27
C TYR A 17 -1.79 0.72 10.96
N GLY A 18 -3.06 0.94 11.28
CA GLY A 18 -3.73 2.23 11.14
C GLY A 18 -3.90 2.75 9.73
N PHE A 19 -3.06 2.32 8.83
CA PHE A 19 -3.11 2.82 7.46
C PHE A 19 -4.14 2.13 6.60
N THR A 20 -4.74 2.95 5.76
CA THR A 20 -5.77 2.50 4.83
C THR A 20 -5.17 2.13 3.46
N LEU A 21 -5.26 0.85 3.09
CA LEU A 21 -4.75 0.42 1.78
C LEU A 21 -5.81 0.61 0.71
N ARG A 22 -5.89 1.82 0.18
CA ARG A 22 -6.88 2.15 -0.85
C ARG A 22 -6.59 1.39 -2.14
N ALA A 23 -7.64 0.84 -2.74
CA ALA A 23 -7.50 0.09 -3.99
C ALA A 23 -7.65 1.02 -5.20
N ILE A 24 -6.74 0.91 -6.17
CA ILE A 24 -6.81 1.74 -7.35
C ILE A 24 -6.51 0.94 -8.60
N ARG A 25 -6.80 1.52 -9.76
CA ARG A 25 -6.55 0.87 -11.04
C ARG A 25 -6.02 1.88 -12.04
N VAL A 26 -4.71 1.99 -12.10
CA VAL A 26 -4.06 2.94 -13.01
C VAL A 26 -4.00 2.41 -14.43
N TYR A 27 -4.55 3.15 -15.38
CA TYR A 27 -4.55 2.75 -16.76
C TYR A 27 -3.22 3.08 -17.41
N MET A 28 -2.79 2.24 -18.33
CA MET A 28 -1.53 2.44 -19.00
C MET A 28 -1.70 2.48 -20.50
N GLY A 29 -2.70 3.22 -20.96
CA GLY A 29 -2.95 3.33 -22.37
C GLY A 29 -4.39 3.61 -22.70
N ASP A 30 -4.73 3.47 -23.97
CA ASP A 30 -6.09 3.71 -24.46
C ASP A 30 -6.96 2.47 -24.26
N SER A 31 -6.35 1.30 -24.39
CA SER A 31 -7.06 0.03 -24.23
C SER A 31 -7.40 -0.21 -22.77
N ASP A 32 -8.03 -1.34 -22.48
CA ASP A 32 -8.42 -1.68 -21.11
C ASP A 32 -7.23 -2.18 -20.30
N VAL A 33 -6.05 -1.68 -20.64
CA VAL A 33 -4.82 -2.04 -19.94
C VAL A 33 -4.63 -1.17 -18.71
N TYR A 34 -4.58 -1.80 -17.57
CA TYR A 34 -4.41 -1.11 -16.31
C TYR A 34 -3.67 -1.98 -15.31
N THR A 35 -2.92 -1.35 -14.42
CA THR A 35 -2.20 -2.06 -13.40
C THR A 35 -2.90 -1.92 -12.06
N VAL A 36 -3.15 -3.03 -11.40
CA VAL A 36 -3.83 -3.00 -10.11
C VAL A 36 -2.83 -2.65 -9.00
N HIS A 37 -2.75 -1.38 -8.66
CA HIS A 37 -1.86 -0.92 -7.61
C HIS A 37 -2.68 -0.52 -6.39
N HIS A 38 -2.01 0.04 -5.39
CA HIS A 38 -2.67 0.47 -4.16
C HIS A 38 -1.90 1.63 -3.55
N MET A 39 -2.54 2.38 -2.67
CA MET A 39 -1.90 3.54 -2.05
C MET A 39 -2.46 3.76 -0.66
N VAL A 40 -1.60 4.22 0.25
CA VAL A 40 -2.04 4.47 1.62
C VAL A 40 -2.86 5.76 1.65
N TRP A 41 -4.17 5.57 1.77
CA TRP A 41 -5.11 6.67 1.79
C TRP A 41 -5.01 7.49 3.05
N HIS A 42 -4.83 6.79 4.16
CA HIS A 42 -4.75 7.44 5.45
C HIS A 42 -4.04 6.55 6.43
N VAL A 43 -3.05 7.09 7.09
CA VAL A 43 -2.29 6.34 8.06
C VAL A 43 -2.37 7.02 9.42
N GLU A 44 -2.72 6.24 10.42
CA GLU A 44 -2.86 6.72 11.79
C GLU A 44 -1.54 7.21 12.35
N ASP A 45 -1.48 8.52 12.58
CA ASP A 45 -0.28 9.16 13.12
C ASP A 45 -0.25 9.07 14.64
N GLY A 46 -0.75 7.98 15.18
CA GLY A 46 -0.78 7.83 16.62
C GLY A 46 -0.10 6.56 17.12
N GLY A 47 0.74 5.94 16.28
CA GLY A 47 1.41 4.74 16.74
C GLY A 47 1.93 3.84 15.64
N PRO A 48 1.06 3.24 14.81
CA PRO A 48 1.46 2.31 13.74
C PRO A 48 2.36 2.87 12.62
N ALA A 49 1.97 2.56 11.38
CA ALA A 49 2.71 2.92 10.16
C ALA A 49 3.23 4.36 10.14
N SER A 50 2.51 5.31 10.70
CA SER A 50 2.94 6.69 10.68
C SER A 50 4.25 6.88 11.45
N GLU A 51 4.27 6.43 12.70
CA GLU A 51 5.46 6.55 13.53
C GLU A 51 6.59 5.75 12.94
N ALA A 52 6.22 4.68 12.26
CA ALA A 52 7.19 3.83 11.60
C ALA A 52 7.89 4.60 10.49
N GLY A 53 7.17 5.53 9.88
CA GLY A 53 7.76 6.33 8.82
C GLY A 53 6.88 6.41 7.57
N LEU A 54 5.78 5.68 7.57
CA LEU A 54 4.88 5.68 6.42
C LEU A 54 4.21 7.04 6.24
N ARG A 55 4.49 7.67 5.12
CA ARG A 55 3.89 8.95 4.81
C ARG A 55 2.60 8.77 4.03
N GLN A 56 1.52 9.29 4.57
CA GLN A 56 0.21 9.22 3.89
C GLN A 56 0.32 9.74 2.46
N GLY A 57 -0.35 9.06 1.54
CA GLY A 57 -0.31 9.47 0.14
C GLY A 57 0.82 8.80 -0.63
N ASP A 58 1.39 7.75 -0.05
CA ASP A 58 2.47 7.01 -0.69
C ASP A 58 1.93 5.83 -1.47
N LEU A 59 2.68 5.41 -2.48
CA LEU A 59 2.29 4.29 -3.30
C LEU A 59 3.06 3.05 -2.87
N ILE A 60 2.34 1.98 -2.62
CA ILE A 60 2.96 0.73 -2.20
C ILE A 60 3.41 -0.06 -3.41
N THR A 61 4.69 -0.40 -3.44
CA THR A 61 5.24 -1.17 -4.54
C THR A 61 5.42 -2.63 -4.13
N HIS A 62 5.85 -2.83 -2.89
CA HIS A 62 6.09 -4.17 -2.37
C HIS A 62 5.61 -4.29 -0.93
N VAL A 63 5.35 -5.51 -0.52
CA VAL A 63 4.93 -5.78 0.84
C VAL A 63 5.60 -7.06 1.34
N ASN A 64 6.53 -6.91 2.27
CA ASN A 64 7.26 -8.04 2.83
C ASN A 64 8.05 -8.76 1.76
N GLY A 65 8.48 -8.02 0.75
CA GLY A 65 9.21 -8.61 -0.35
C GLY A 65 8.29 -9.38 -1.25
N GLU A 66 7.17 -8.75 -1.57
CA GLU A 66 6.16 -9.31 -2.42
C GLU A 66 5.45 -8.20 -3.18
N PRO A 67 5.75 -8.05 -4.48
CA PRO A 67 5.14 -7.05 -5.33
C PRO A 67 3.63 -7.07 -5.22
N VAL A 68 3.08 -5.92 -4.96
CA VAL A 68 1.64 -5.75 -4.80
C VAL A 68 1.01 -5.47 -6.14
N HIS A 69 1.88 -5.21 -7.08
CA HIS A 69 1.55 -4.92 -8.43
C HIS A 69 0.69 -6.02 -9.06
N GLY A 70 -0.62 -5.84 -9.00
CA GLY A 70 -1.53 -6.82 -9.56
C GLY A 70 -2.38 -7.49 -8.50
N LEU A 71 -2.05 -7.26 -7.24
CA LEU A 71 -2.80 -7.85 -6.14
C LEU A 71 -4.13 -7.13 -5.95
N VAL A 72 -5.15 -7.87 -5.58
CA VAL A 72 -6.45 -7.29 -5.34
C VAL A 72 -6.46 -6.59 -3.98
N HIS A 73 -7.47 -5.76 -3.72
CA HIS A 73 -7.58 -5.03 -2.46
C HIS A 73 -7.31 -5.91 -1.25
N THR A 74 -8.02 -7.00 -1.20
CA THR A 74 -7.94 -7.91 -0.09
C THR A 74 -6.64 -8.71 -0.07
N GLU A 75 -5.95 -8.79 -1.20
CA GLU A 75 -4.70 -9.52 -1.27
C GLU A 75 -3.60 -8.79 -0.52
N VAL A 76 -3.52 -7.46 -0.68
CA VAL A 76 -2.50 -6.69 0.02
C VAL A 76 -2.74 -6.76 1.51
N VAL A 77 -3.99 -6.53 1.90
CA VAL A 77 -4.40 -6.61 3.29
C VAL A 77 -4.02 -7.97 3.88
N GLU A 78 -4.30 -9.03 3.13
CA GLU A 78 -3.97 -10.37 3.57
C GLU A 78 -2.47 -10.54 3.71
N LEU A 79 -1.73 -10.04 2.73
CA LEU A 79 -0.27 -10.11 2.74
C LEU A 79 0.28 -9.50 4.03
N ILE A 80 -0.32 -8.39 4.44
CA ILE A 80 0.09 -7.70 5.65
C ILE A 80 -0.27 -8.51 6.89
N LEU A 81 -1.52 -8.93 7.00
CA LEU A 81 -1.97 -9.73 8.13
C LEU A 81 -1.18 -11.02 8.23
N LYS A 82 -0.86 -11.57 7.06
CA LYS A 82 -0.09 -12.81 6.94
C LYS A 82 1.27 -12.70 7.60
N SER A 83 1.91 -11.55 7.41
CA SER A 83 3.22 -11.29 7.97
C SER A 83 3.24 -11.49 9.49
N GLY A 84 2.15 -11.14 10.16
CA GLY A 84 2.07 -11.32 11.59
C GLY A 84 1.71 -10.07 12.36
N ASN A 85 2.59 -9.68 13.26
CA ASN A 85 2.36 -8.50 14.09
C ASN A 85 3.09 -7.29 13.52
N LYS A 86 3.61 -7.45 12.34
CA LYS A 86 4.32 -6.39 11.66
C LYS A 86 4.42 -6.70 10.19
N VAL A 87 4.95 -5.75 9.44
CA VAL A 87 5.09 -5.92 7.99
C VAL A 87 5.96 -4.85 7.35
N ALA A 88 6.69 -5.25 6.31
CA ALA A 88 7.57 -4.35 5.56
C ALA A 88 6.85 -3.75 4.37
N ILE A 89 6.26 -2.58 4.55
CA ILE A 89 5.56 -1.91 3.46
C ILE A 89 6.51 -1.07 2.62
N SER A 90 6.75 -1.49 1.39
CA SER A 90 7.64 -0.78 0.51
C SER A 90 6.90 0.28 -0.29
N THR A 91 7.11 1.54 0.07
CA THR A 91 6.46 2.65 -0.60
C THR A 91 7.46 3.35 -1.51
N THR A 92 6.98 4.23 -2.38
CA THR A 92 7.87 4.91 -3.33
C THR A 92 8.26 6.33 -2.88
N PRO A 93 9.53 6.53 -2.45
CA PRO A 93 10.02 7.86 -2.06
C PRO A 93 9.85 8.90 -3.16
N LEU A 94 10.17 10.14 -2.83
CA LEU A 94 10.06 11.26 -3.77
C LEU A 94 11.04 11.09 -4.94
N GLU A 95 10.84 11.91 -5.96
CA GLU A 95 11.69 11.89 -7.14
C GLU A 95 11.64 13.23 -7.85
N ASN A 96 12.62 13.49 -8.70
CA ASN A 96 12.69 14.74 -9.43
C ASN A 96 11.68 14.77 -10.58
N SER B 1 -2.47 7.82 -14.72
CA SER B 1 -3.81 7.87 -15.33
C SER B 1 -4.81 7.00 -14.57
N TRP B 2 -5.44 7.59 -13.57
CA TRP B 2 -6.41 6.88 -12.76
C TRP B 2 -7.62 7.77 -12.49
N GLU B 3 -8.80 7.25 -12.80
CA GLU B 3 -10.03 8.00 -12.58
C GLU B 3 -10.44 7.92 -11.11
N SER B 4 -11.19 6.88 -10.78
CA SER B 4 -11.67 6.68 -9.42
C SER B 4 -11.70 5.19 -9.08
N HIS B 5 -12.36 4.85 -7.99
CA HIS B 5 -12.45 3.47 -7.55
C HIS B 5 -13.15 2.59 -8.58
N LYS B 6 -12.46 1.57 -9.04
CA LYS B 6 -13.01 0.64 -10.00
C LYS B 6 -12.76 -0.78 -9.54
N SER B 7 -12.29 -0.89 -8.30
CA SER B 7 -11.98 -2.18 -7.70
C SER B 7 -12.93 -2.45 -6.54
N GLY B 8 -13.20 -3.71 -6.27
CA GLY B 8 -14.09 -4.07 -5.18
C GLY B 8 -13.38 -4.19 -3.85
N GLY B 9 -14.00 -3.64 -2.81
CA GLY B 9 -13.43 -3.71 -1.48
C GLY B 9 -12.69 -2.44 -1.09
N GLU B 10 -12.91 -1.98 0.14
CA GLU B 10 -12.26 -0.79 0.65
C GLU B 10 -12.18 -0.85 2.17
N THR B 11 -11.27 -1.64 2.67
CA THR B 11 -11.05 -1.78 4.10
C THR B 11 -9.72 -1.12 4.45
N ARG B 12 -9.39 -1.10 5.72
CA ARG B 12 -8.15 -0.50 6.16
C ARG B 12 -7.44 -1.44 7.11
N LEU B 13 -6.11 -1.34 7.14
CA LEU B 13 -5.29 -2.19 7.99
C LEU B 13 -5.30 -1.66 9.43
N GLY A 1 13.12 8.18 -12.42
CA GLY A 1 12.29 8.14 -11.18
C GLY A 1 13.09 7.73 -9.97
N GLY A 2 13.19 6.43 -9.75
CA GLY A 2 13.94 5.92 -8.61
C GLY A 2 14.01 4.41 -8.63
N SER A 3 14.66 3.84 -7.62
CA SER A 3 14.80 2.40 -7.52
C SER A 3 15.01 1.99 -6.06
N MET A 4 14.67 0.74 -5.75
CA MET A 4 14.81 0.19 -4.41
C MET A 4 14.01 0.97 -3.38
N ARG A 5 12.71 0.73 -3.36
CA ARG A 5 11.84 1.40 -2.41
C ARG A 5 12.12 0.87 -1.01
N PRO A 6 12.18 1.73 0.00
CA PRO A 6 12.46 1.32 1.39
C PRO A 6 11.21 0.86 2.13
N PRO A 7 11.13 -0.43 2.48
CA PRO A 7 9.99 -0.98 3.22
C PRO A 7 9.93 -0.47 4.65
N ILE A 8 8.80 0.10 5.01
CA ILE A 8 8.58 0.60 6.33
C ILE A 8 7.94 -0.49 7.17
N ILE A 9 8.65 -0.94 8.18
CA ILE A 9 8.16 -2.01 9.02
C ILE A 9 7.14 -1.51 10.04
N ILE A 10 5.87 -1.79 9.80
CA ILE A 10 4.84 -1.44 10.76
C ILE A 10 4.85 -2.50 11.84
N HIS A 11 4.29 -2.20 12.99
CA HIS A 11 4.23 -3.15 14.07
C HIS A 11 2.88 -3.00 14.77
N ARG A 12 2.07 -4.04 14.66
CA ARG A 12 0.75 -4.05 15.27
C ARG A 12 0.85 -3.95 16.78
N ALA A 13 0.68 -2.74 17.30
CA ALA A 13 0.75 -2.50 18.74
C ALA A 13 -0.55 -2.88 19.43
N GLY A 14 -0.96 -4.13 19.25
CA GLY A 14 -2.18 -4.61 19.87
C GLY A 14 -3.44 -4.08 19.19
N LYS A 15 -3.26 -3.40 18.07
CA LYS A 15 -4.38 -2.85 17.34
C LYS A 15 -4.29 -3.17 15.86
N LYS A 16 -3.61 -2.32 15.09
CA LYS A 16 -3.49 -2.50 13.66
C LYS A 16 -2.23 -1.82 13.13
N TYR A 17 -2.08 -1.79 11.81
CA TYR A 17 -0.93 -1.15 11.17
C TYR A 17 -1.22 0.32 10.94
N GLY A 18 -2.40 0.73 11.38
CA GLY A 18 -2.82 2.11 11.31
C GLY A 18 -2.72 2.80 9.97
N PHE A 19 -3.24 2.17 8.93
CA PHE A 19 -3.24 2.79 7.61
C PHE A 19 -4.21 2.10 6.65
N THR A 20 -4.74 2.90 5.76
CA THR A 20 -5.70 2.47 4.75
C THR A 20 -5.04 2.12 3.41
N LEU A 21 -5.10 0.84 3.02
CA LEU A 21 -4.52 0.42 1.74
C LEU A 21 -5.56 0.55 0.63
N ARG A 22 -5.70 1.76 0.11
CA ARG A 22 -6.65 2.04 -0.96
C ARG A 22 -6.24 1.33 -2.25
N ALA A 23 -7.17 0.61 -2.86
CA ALA A 23 -6.88 -0.10 -4.10
C ALA A 23 -7.28 0.75 -5.30
N ILE A 24 -6.44 0.79 -6.33
CA ILE A 24 -6.73 1.56 -7.53
C ILE A 24 -6.10 0.92 -8.75
N ARG A 25 -6.92 0.61 -9.74
CA ARG A 25 -6.44 0.02 -10.98
C ARG A 25 -6.27 1.11 -12.01
N VAL A 26 -5.03 1.55 -12.19
CA VAL A 26 -4.74 2.62 -13.14
C VAL A 26 -4.75 2.11 -14.57
N TYR A 27 -5.76 2.53 -15.32
CA TYR A 27 -5.88 2.14 -16.72
C TYR A 27 -4.95 2.99 -17.57
N MET A 28 -3.79 2.42 -17.90
CA MET A 28 -2.80 3.12 -18.70
C MET A 28 -2.40 2.28 -19.90
N GLY A 29 -2.49 2.87 -21.08
CA GLY A 29 -2.15 2.16 -22.30
C GLY A 29 -3.23 2.31 -23.36
N ASP A 30 -2.93 1.92 -24.59
CA ASP A 30 -3.90 2.02 -25.67
C ASP A 30 -5.04 1.03 -25.46
N SER A 31 -4.69 -0.21 -25.14
CA SER A 31 -5.67 -1.26 -24.91
C SER A 31 -6.33 -1.10 -23.54
N ASP A 32 -7.22 -2.02 -23.18
CA ASP A 32 -7.92 -1.97 -21.89
C ASP A 32 -7.00 -2.49 -20.77
N VAL A 33 -5.71 -2.24 -20.91
CA VAL A 33 -4.72 -2.67 -19.95
C VAL A 33 -4.68 -1.70 -18.76
N TYR A 34 -4.57 -2.27 -17.58
CA TYR A 34 -4.53 -1.48 -16.36
C TYR A 34 -3.62 -2.13 -15.34
N THR A 35 -3.05 -1.35 -14.45
CA THR A 35 -2.19 -1.89 -13.42
C THR A 35 -2.86 -1.77 -12.06
N VAL A 36 -2.98 -2.88 -11.36
CA VAL A 36 -3.60 -2.91 -10.05
C VAL A 36 -2.60 -2.47 -9.00
N HIS A 37 -2.70 -1.22 -8.57
CA HIS A 37 -1.80 -0.68 -7.57
C HIS A 37 -2.57 -0.36 -6.30
N HIS A 38 -1.85 0.16 -5.31
CA HIS A 38 -2.44 0.51 -4.02
C HIS A 38 -1.67 1.67 -3.44
N MET A 39 -2.33 2.45 -2.61
CA MET A 39 -1.71 3.62 -1.99
C MET A 39 -2.29 3.87 -0.62
N VAL A 40 -1.45 4.35 0.28
CA VAL A 40 -1.89 4.63 1.63
C VAL A 40 -2.75 5.90 1.64
N TRP A 41 -4.04 5.66 1.74
CA TRP A 41 -5.03 6.73 1.74
C TRP A 41 -4.97 7.55 3.01
N HIS A 42 -4.79 6.85 4.10
CA HIS A 42 -4.75 7.47 5.41
C HIS A 42 -3.99 6.60 6.37
N VAL A 43 -3.07 7.18 7.10
CA VAL A 43 -2.31 6.44 8.07
C VAL A 43 -2.35 7.13 9.43
N GLU A 44 -2.77 6.36 10.41
CA GLU A 44 -2.92 6.82 11.77
C GLU A 44 -1.59 7.21 12.40
N ASP A 45 -1.44 8.49 12.69
CA ASP A 45 -0.23 9.02 13.29
C ASP A 45 -0.26 8.85 14.81
N GLY A 46 -0.64 7.66 15.25
CA GLY A 46 -0.72 7.40 16.68
C GLY A 46 0.19 6.28 17.14
N GLY A 47 0.91 5.65 16.22
CA GLY A 47 1.80 4.58 16.63
C GLY A 47 2.27 3.66 15.50
N PRO A 48 1.35 3.00 14.79
CA PRO A 48 1.68 2.07 13.70
C PRO A 48 2.49 2.63 12.51
N ALA A 49 2.00 2.35 11.30
CA ALA A 49 2.64 2.74 10.04
C ALA A 49 3.17 4.18 10.03
N SER A 50 2.43 5.13 10.57
CA SER A 50 2.84 6.52 10.57
C SER A 50 4.18 6.74 11.29
N GLU A 51 4.22 6.39 12.57
CA GLU A 51 5.43 6.56 13.37
C GLU A 51 6.55 5.70 12.84
N ALA A 52 6.17 4.60 12.23
CA ALA A 52 7.13 3.68 11.64
C ALA A 52 7.91 4.38 10.54
N GLY A 53 7.26 5.34 9.89
CA GLY A 53 7.90 6.08 8.83
C GLY A 53 7.01 6.27 7.61
N LEU A 54 5.87 5.60 7.60
CA LEU A 54 4.95 5.70 6.47
C LEU A 54 4.31 7.07 6.40
N ARG A 55 4.58 7.77 5.31
CA ARG A 55 4.02 9.08 5.08
C ARG A 55 2.73 8.96 4.29
N GLN A 56 1.62 9.45 4.85
CA GLN A 56 0.35 9.43 4.15
C GLN A 56 0.51 10.00 2.75
N GLY A 57 -0.07 9.32 1.77
CA GLY A 57 0.04 9.76 0.40
C GLY A 57 1.29 9.20 -0.25
N ASP A 58 1.37 7.87 -0.29
CA ASP A 58 2.51 7.18 -0.89
C ASP A 58 2.02 5.93 -1.61
N LEU A 59 2.71 5.58 -2.68
CA LEU A 59 2.33 4.41 -3.46
C LEU A 59 3.12 3.20 -2.99
N ILE A 60 2.40 2.11 -2.76
CA ILE A 60 3.03 0.87 -2.31
C ILE A 60 3.45 0.06 -3.53
N THR A 61 4.70 -0.31 -3.56
CA THR A 61 5.24 -1.07 -4.67
C THR A 61 5.38 -2.55 -4.27
N HIS A 62 5.82 -2.78 -3.04
CA HIS A 62 6.03 -4.13 -2.54
C HIS A 62 5.58 -4.23 -1.09
N VAL A 63 5.29 -5.44 -0.66
CA VAL A 63 4.88 -5.69 0.71
C VAL A 63 5.50 -6.98 1.22
N ASN A 64 6.43 -6.84 2.14
CA ASN A 64 7.11 -7.99 2.74
C ASN A 64 7.83 -8.82 1.67
N GLY A 65 8.33 -8.15 0.65
CA GLY A 65 9.04 -8.83 -0.41
C GLY A 65 8.08 -9.53 -1.36
N GLU A 66 7.00 -8.85 -1.68
CA GLU A 66 5.99 -9.36 -2.56
C GLU A 66 5.32 -8.20 -3.27
N PRO A 67 5.61 -8.03 -4.57
CA PRO A 67 5.04 -6.99 -5.40
C PRO A 67 3.54 -6.96 -5.27
N VAL A 68 3.02 -5.78 -5.00
CA VAL A 68 1.60 -5.58 -4.83
C VAL A 68 0.96 -5.36 -6.17
N HIS A 69 1.83 -5.12 -7.12
CA HIS A 69 1.50 -4.88 -8.48
C HIS A 69 0.70 -6.04 -9.06
N GLY A 70 -0.61 -5.90 -9.08
CA GLY A 70 -1.46 -6.95 -9.60
C GLY A 70 -2.30 -7.61 -8.52
N LEU A 71 -1.97 -7.34 -7.27
CA LEU A 71 -2.69 -7.89 -6.13
C LEU A 71 -4.01 -7.16 -5.96
N VAL A 72 -5.06 -7.88 -5.62
CA VAL A 72 -6.36 -7.26 -5.41
C VAL A 72 -6.37 -6.52 -4.07
N HIS A 73 -7.36 -5.67 -3.86
CA HIS A 73 -7.49 -4.88 -2.63
C HIS A 73 -7.21 -5.70 -1.37
N THR A 74 -7.94 -6.78 -1.26
CA THR A 74 -7.85 -7.63 -0.09
C THR A 74 -6.58 -8.48 -0.06
N GLU A 75 -5.91 -8.61 -1.20
CA GLU A 75 -4.69 -9.39 -1.26
C GLU A 75 -3.56 -8.71 -0.51
N VAL A 76 -3.42 -7.39 -0.67
CA VAL A 76 -2.37 -6.67 0.03
C VAL A 76 -2.63 -6.71 1.52
N VAL A 77 -3.88 -6.45 1.88
CA VAL A 77 -4.34 -6.51 3.25
C VAL A 77 -3.99 -7.87 3.85
N GLU A 78 -4.32 -8.93 3.11
CA GLU A 78 -4.02 -10.28 3.55
C GLU A 78 -2.53 -10.51 3.66
N LEU A 79 -1.79 -10.04 2.67
CA LEU A 79 -0.34 -10.15 2.66
C LEU A 79 0.24 -9.57 3.95
N ILE A 80 -0.32 -8.44 4.36
CA ILE A 80 0.11 -7.77 5.57
C ILE A 80 -0.24 -8.60 6.80
N LEU A 81 -1.50 -9.06 6.86
CA LEU A 81 -1.96 -9.89 7.98
C LEU A 81 -1.15 -11.19 8.06
N LYS A 82 -0.86 -11.74 6.89
CA LYS A 82 -0.10 -12.99 6.74
C LYS A 82 1.29 -12.87 7.35
N SER A 83 1.94 -11.73 7.13
CA SER A 83 3.27 -11.48 7.64
C SER A 83 3.36 -11.71 9.15
N GLY A 84 2.26 -11.44 9.86
CA GLY A 84 2.26 -11.65 11.29
C GLY A 84 1.75 -10.44 12.04
N ASN A 85 2.52 -10.00 13.02
CA ASN A 85 2.14 -8.84 13.82
C ASN A 85 2.84 -7.59 13.32
N LYS A 86 3.47 -7.72 12.17
CA LYS A 86 4.16 -6.62 11.55
C LYS A 86 4.38 -6.92 10.08
N VAL A 87 4.87 -5.94 9.35
CA VAL A 87 5.09 -6.10 7.91
C VAL A 87 5.93 -4.97 7.30
N ALA A 88 6.68 -5.32 6.25
CA ALA A 88 7.52 -4.37 5.51
C ALA A 88 6.79 -3.77 4.33
N ILE A 89 6.23 -2.59 4.49
CA ILE A 89 5.52 -1.92 3.40
C ILE A 89 6.47 -1.06 2.57
N SER A 90 6.69 -1.44 1.32
CA SER A 90 7.59 -0.71 0.45
C SER A 90 6.86 0.40 -0.30
N THR A 91 7.07 1.63 0.13
CA THR A 91 6.45 2.78 -0.51
C THR A 91 7.48 3.48 -1.40
N THR A 92 7.02 4.33 -2.30
CA THR A 92 7.94 5.01 -3.21
C THR A 92 8.27 6.43 -2.74
N PRO A 93 9.48 6.66 -2.20
CA PRO A 93 9.92 7.98 -1.74
C PRO A 93 9.79 9.05 -2.82
N LEU A 94 10.10 10.28 -2.44
CA LEU A 94 10.02 11.41 -3.34
C LEU A 94 11.02 11.29 -4.48
N GLU A 95 10.84 12.12 -5.50
CA GLU A 95 11.71 12.12 -6.65
C GLU A 95 11.56 13.42 -7.42
N ASN A 96 12.40 13.61 -8.43
CA ASN A 96 12.35 14.80 -9.24
C ASN A 96 11.21 14.72 -10.25
N SER B 1 -6.66 7.44 -16.16
CA SER B 1 -6.25 6.21 -15.46
C SER B 1 -7.06 6.01 -14.17
N TRP B 2 -7.11 7.05 -13.34
CA TRP B 2 -7.86 6.98 -12.09
C TRP B 2 -9.00 8.00 -12.10
N GLU B 3 -10.15 7.58 -12.59
CA GLU B 3 -11.32 8.44 -12.66
C GLU B 3 -12.20 8.24 -11.44
N SER B 4 -12.28 6.99 -10.99
CA SER B 4 -13.09 6.64 -9.84
C SER B 4 -12.54 5.39 -9.17
N HIS B 5 -13.29 4.84 -8.22
CA HIS B 5 -12.87 3.63 -7.50
C HIS B 5 -12.94 2.42 -8.41
N LYS B 6 -12.04 2.37 -9.38
CA LYS B 6 -11.97 1.28 -10.33
C LYS B 6 -11.22 0.10 -9.73
N SER B 7 -11.75 -0.44 -8.65
CA SER B 7 -11.11 -1.55 -7.96
C SER B 7 -12.14 -2.34 -7.15
N GLY B 8 -12.62 -1.73 -6.08
CA GLY B 8 -13.60 -2.37 -5.23
C GLY B 8 -13.03 -2.72 -3.87
N GLY B 9 -13.55 -2.06 -2.84
CA GLY B 9 -13.08 -2.33 -1.49
C GLY B 9 -12.54 -1.10 -0.80
N GLU B 10 -12.91 -0.92 0.46
CA GLU B 10 -12.44 0.22 1.25
C GLU B 10 -11.80 -0.28 2.55
N THR B 11 -11.45 -1.56 2.57
CA THR B 11 -10.82 -2.18 3.73
C THR B 11 -9.52 -1.46 4.08
N ARG B 12 -9.17 -1.46 5.35
CA ARG B 12 -7.97 -0.81 5.79
C ARG B 12 -7.20 -1.69 6.78
N LEU B 13 -5.99 -1.27 7.11
CA LEU B 13 -5.16 -2.00 8.04
C LEU B 13 -5.15 -1.28 9.38
N GLY A 1 12.51 8.41 -12.22
CA GLY A 1 12.10 7.88 -10.90
C GLY A 1 13.28 7.39 -10.10
N GLY A 2 13.02 6.55 -9.11
CA GLY A 2 14.08 6.01 -8.28
C GLY A 2 14.15 4.50 -8.36
N SER A 3 14.73 3.90 -7.34
CA SER A 3 14.88 2.45 -7.27
C SER A 3 15.07 2.02 -5.82
N MET A 4 14.86 0.73 -5.56
CA MET A 4 15.00 0.17 -4.21
C MET A 4 14.10 0.90 -3.22
N ARG A 5 12.82 0.57 -3.23
CA ARG A 5 11.87 1.18 -2.32
C ARG A 5 12.12 0.69 -0.90
N PRO A 6 12.08 1.59 0.09
CA PRO A 6 12.35 1.24 1.48
C PRO A 6 11.10 0.74 2.22
N PRO A 7 11.06 -0.55 2.56
CA PRO A 7 9.93 -1.11 3.29
C PRO A 7 9.85 -0.60 4.71
N ILE A 8 8.76 0.05 5.02
CA ILE A 8 8.52 0.59 6.33
C ILE A 8 7.87 -0.47 7.19
N ILE A 9 8.61 -0.95 8.16
CA ILE A 9 8.12 -2.00 9.03
C ILE A 9 7.14 -1.48 10.07
N ILE A 10 5.85 -1.69 9.82
CA ILE A 10 4.83 -1.30 10.78
C ILE A 10 4.81 -2.34 11.88
N HIS A 11 4.30 -2.00 13.02
CA HIS A 11 4.21 -2.94 14.12
C HIS A 11 2.83 -2.82 14.73
N ARG A 12 2.02 -3.84 14.53
CA ARG A 12 0.66 -3.86 15.05
C ARG A 12 0.66 -3.86 16.57
N ALA A 13 0.42 -2.70 17.14
CA ALA A 13 0.37 -2.55 18.59
C ALA A 13 -0.98 -3.03 19.12
N GLY A 14 -1.30 -4.28 18.81
CA GLY A 14 -2.56 -4.86 19.26
C GLY A 14 -3.72 -4.47 18.37
N LYS A 15 -3.80 -3.20 18.01
CA LYS A 15 -4.89 -2.70 17.17
C LYS A 15 -4.65 -3.03 15.69
N LYS A 16 -3.92 -2.16 14.99
CA LYS A 16 -3.66 -2.37 13.57
C LYS A 16 -2.40 -1.63 13.11
N TYR A 17 -2.15 -1.65 11.80
CA TYR A 17 -0.99 -0.99 11.22
C TYR A 17 -1.31 0.48 10.95
N GLY A 18 -2.52 0.86 11.33
CA GLY A 18 -2.98 2.21 11.21
C GLY A 18 -2.82 2.86 9.85
N PHE A 19 -3.31 2.22 8.82
CA PHE A 19 -3.27 2.81 7.47
C PHE A 19 -4.22 2.12 6.50
N THR A 20 -4.69 2.94 5.58
CA THR A 20 -5.64 2.55 4.53
C THR A 20 -4.96 2.17 3.21
N LEU A 21 -5.12 0.91 2.78
CA LEU A 21 -4.54 0.46 1.51
C LEU A 21 -5.58 0.58 0.39
N ARG A 22 -5.73 1.80 -0.14
CA ARG A 22 -6.69 2.06 -1.21
C ARG A 22 -6.30 1.33 -2.49
N ALA A 23 -7.30 0.79 -3.19
CA ALA A 23 -7.06 0.05 -4.44
C ALA A 23 -7.40 0.88 -5.66
N ILE A 24 -6.47 0.95 -6.61
CA ILE A 24 -6.68 1.71 -7.84
C ILE A 24 -6.11 0.97 -9.04
N ARG A 25 -6.49 1.41 -10.23
CA ARG A 25 -6.04 0.78 -11.45
C ARG A 25 -5.63 1.84 -12.47
N VAL A 26 -4.35 1.91 -12.74
CA VAL A 26 -3.82 2.88 -13.68
C VAL A 26 -3.90 2.38 -15.12
N TYR A 27 -4.67 3.06 -15.94
CA TYR A 27 -4.80 2.69 -17.34
C TYR A 27 -3.60 3.21 -18.11
N MET A 28 -2.71 2.31 -18.48
CA MET A 28 -1.48 2.67 -19.19
C MET A 28 -1.73 2.84 -20.68
N GLY A 29 -2.96 2.63 -21.11
CA GLY A 29 -3.29 2.77 -22.50
C GLY A 29 -4.77 3.01 -22.72
N ASP A 30 -5.12 3.48 -23.90
CA ASP A 30 -6.51 3.74 -24.26
C ASP A 30 -7.19 2.45 -24.69
N SER A 31 -7.26 1.51 -23.76
CA SER A 31 -7.85 0.20 -23.99
C SER A 31 -8.14 -0.46 -22.65
N ASP A 32 -8.31 -1.78 -22.65
CA ASP A 32 -8.58 -2.52 -21.41
C ASP A 32 -7.31 -2.75 -20.60
N VAL A 33 -6.21 -2.14 -21.02
CA VAL A 33 -4.93 -2.28 -20.35
C VAL A 33 -4.83 -1.32 -19.15
N TYR A 34 -4.58 -1.90 -17.99
CA TYR A 34 -4.46 -1.13 -16.76
C TYR A 34 -3.67 -1.94 -15.73
N THR A 35 -2.97 -1.25 -14.84
CA THR A 35 -2.21 -1.93 -13.81
C THR A 35 -2.81 -1.66 -12.45
N VAL A 36 -3.06 -2.71 -11.69
CA VAL A 36 -3.64 -2.59 -10.37
C VAL A 36 -2.57 -2.28 -9.33
N HIS A 37 -2.69 -1.12 -8.72
CA HIS A 37 -1.77 -0.68 -7.69
C HIS A 37 -2.55 -0.32 -6.43
N HIS A 38 -1.82 0.14 -5.42
CA HIS A 38 -2.43 0.51 -4.14
C HIS A 38 -1.63 1.66 -3.53
N MET A 39 -2.30 2.44 -2.69
CA MET A 39 -1.65 3.60 -2.07
C MET A 39 -2.25 3.83 -0.69
N VAL A 40 -1.43 4.31 0.23
CA VAL A 40 -1.89 4.59 1.57
C VAL A 40 -2.73 5.87 1.56
N TRP A 41 -4.03 5.66 1.61
CA TRP A 41 -4.99 6.76 1.59
C TRP A 41 -4.97 7.54 2.87
N HIS A 42 -4.82 6.83 3.97
CA HIS A 42 -4.79 7.45 5.27
C HIS A 42 -4.07 6.58 6.27
N VAL A 43 -3.14 7.16 6.98
CA VAL A 43 -2.39 6.43 7.98
C VAL A 43 -2.49 7.13 9.33
N GLU A 44 -2.89 6.36 10.32
CA GLU A 44 -3.09 6.82 11.68
C GLU A 44 -1.79 7.24 12.33
N ASP A 45 -1.65 8.53 12.60
CA ASP A 45 -0.47 9.09 13.23
C ASP A 45 -0.51 8.91 14.74
N GLY A 46 -0.97 7.74 15.17
CA GLY A 46 -1.07 7.46 16.60
C GLY A 46 -0.04 6.46 17.09
N GLY A 47 0.70 5.83 16.18
CA GLY A 47 1.69 4.86 16.60
C GLY A 47 2.13 3.89 15.52
N PRO A 48 1.19 3.23 14.80
CA PRO A 48 1.53 2.24 13.75
C PRO A 48 2.37 2.77 12.56
N ALA A 49 1.88 2.50 11.34
CA ALA A 49 2.56 2.86 10.09
C ALA A 49 3.11 4.29 10.07
N SER A 50 2.37 5.25 10.62
CA SER A 50 2.81 6.63 10.63
C SER A 50 4.16 6.79 11.32
N GLU A 51 4.21 6.47 12.60
CA GLU A 51 5.43 6.59 13.39
C GLU A 51 6.51 5.67 12.87
N ALA A 52 6.09 4.63 12.18
CA ALA A 52 7.02 3.68 11.60
C ALA A 52 7.83 4.33 10.48
N GLY A 53 7.24 5.36 9.87
CA GLY A 53 7.90 6.06 8.80
C GLY A 53 7.02 6.23 7.57
N LEU A 54 5.86 5.58 7.58
CA LEU A 54 4.93 5.65 6.46
C LEU A 54 4.29 7.03 6.36
N ARG A 55 4.54 7.69 5.25
CA ARG A 55 3.97 8.99 5.00
C ARG A 55 2.71 8.85 4.14
N GLN A 56 1.59 9.33 4.67
CA GLN A 56 0.32 9.28 3.94
C GLN A 56 0.46 9.84 2.53
N GLY A 57 -0.22 9.20 1.57
CA GLY A 57 -0.18 9.65 0.18
C GLY A 57 0.90 8.95 -0.63
N ASP A 58 1.55 7.96 -0.04
CA ASP A 58 2.60 7.22 -0.74
C ASP A 58 2.02 6.02 -1.48
N LEU A 59 2.72 5.57 -2.50
CA LEU A 59 2.30 4.44 -3.31
C LEU A 59 3.06 3.20 -2.87
N ILE A 60 2.35 2.10 -2.71
CA ILE A 60 2.96 0.85 -2.28
C ILE A 60 3.36 0.04 -3.50
N THR A 61 4.64 -0.29 -3.59
CA THR A 61 5.15 -1.06 -4.69
C THR A 61 5.30 -2.53 -4.29
N HIS A 62 5.77 -2.74 -3.08
CA HIS A 62 5.99 -4.08 -2.55
C HIS A 62 5.52 -4.18 -1.10
N VAL A 63 5.23 -5.40 -0.68
CA VAL A 63 4.81 -5.65 0.69
C VAL A 63 5.46 -6.93 1.21
N ASN A 64 6.37 -6.77 2.16
CA ASN A 64 7.08 -7.92 2.74
C ASN A 64 7.86 -8.67 1.68
N GLY A 65 8.32 -7.95 0.66
CA GLY A 65 9.05 -8.58 -0.41
C GLY A 65 8.13 -9.34 -1.34
N GLU A 66 7.03 -8.71 -1.67
CA GLU A 66 6.02 -9.27 -2.53
C GLU A 66 5.32 -8.17 -3.30
N PRO A 67 5.62 -8.05 -4.61
CA PRO A 67 5.02 -7.06 -5.49
C PRO A 67 3.51 -7.07 -5.36
N VAL A 68 2.97 -5.89 -5.17
CA VAL A 68 1.54 -5.71 -5.00
C VAL A 68 0.91 -5.55 -6.35
N HIS A 69 1.78 -5.44 -7.31
CA HIS A 69 1.46 -5.29 -8.69
C HIS A 69 0.54 -6.40 -9.18
N GLY A 70 -0.76 -6.10 -9.30
CA GLY A 70 -1.72 -7.08 -9.76
C GLY A 70 -2.55 -7.66 -8.63
N LEU A 71 -2.21 -7.31 -7.40
CA LEU A 71 -2.94 -7.81 -6.24
C LEU A 71 -4.23 -7.03 -6.06
N VAL A 72 -5.29 -7.72 -5.68
CA VAL A 72 -6.57 -7.08 -5.43
C VAL A 72 -6.52 -6.40 -4.07
N HIS A 73 -7.53 -5.58 -3.77
CA HIS A 73 -7.60 -4.86 -2.49
C HIS A 73 -7.34 -5.77 -1.30
N THR A 74 -8.09 -6.84 -1.24
CA THR A 74 -8.00 -7.77 -0.14
C THR A 74 -6.70 -8.55 -0.14
N GLU A 75 -6.05 -8.66 -1.29
CA GLU A 75 -4.81 -9.39 -1.40
C GLU A 75 -3.68 -8.67 -0.66
N VAL A 76 -3.59 -7.34 -0.82
CA VAL A 76 -2.53 -6.60 -0.13
C VAL A 76 -2.78 -6.65 1.37
N VAL A 77 -4.03 -6.44 1.75
CA VAL A 77 -4.43 -6.50 3.15
C VAL A 77 -4.06 -7.85 3.75
N GLU A 78 -4.39 -8.93 3.02
CA GLU A 78 -4.06 -10.27 3.45
C GLU A 78 -2.55 -10.45 3.54
N LEU A 79 -1.85 -9.95 2.54
CA LEU A 79 -0.39 -10.03 2.50
C LEU A 79 0.19 -9.45 3.78
N ILE A 80 -0.41 -8.35 4.24
CA ILE A 80 0.02 -7.70 5.45
C ILE A 80 -0.30 -8.55 6.68
N LEU A 81 -1.55 -9.00 6.79
CA LEU A 81 -1.99 -9.84 7.89
C LEU A 81 -1.18 -11.14 7.94
N LYS A 82 -0.86 -11.64 6.74
CA LYS A 82 -0.08 -12.87 6.57
C LYS A 82 1.26 -12.78 7.26
N SER A 83 1.87 -11.61 7.18
CA SER A 83 3.17 -11.37 7.78
C SER A 83 3.14 -11.65 9.28
N GLY A 84 2.10 -11.20 9.97
CA GLY A 84 1.99 -11.46 11.39
C GLY A 84 1.56 -10.26 12.20
N ASN A 85 2.44 -9.80 13.08
CA ASN A 85 2.16 -8.66 13.95
C ASN A 85 2.87 -7.43 13.44
N LYS A 86 3.42 -7.55 12.26
CA LYS A 86 4.12 -6.46 11.62
C LYS A 86 4.24 -6.73 10.14
N VAL A 87 4.74 -5.76 9.40
CA VAL A 87 4.90 -5.91 7.96
C VAL A 87 5.76 -4.83 7.32
N ALA A 88 6.51 -5.22 6.30
CA ALA A 88 7.39 -4.33 5.55
C ALA A 88 6.67 -3.71 4.36
N ILE A 89 6.15 -2.51 4.53
CA ILE A 89 5.45 -1.83 3.45
C ILE A 89 6.41 -1.01 2.60
N SER A 90 6.63 -1.43 1.37
CA SER A 90 7.56 -0.75 0.47
C SER A 90 6.84 0.36 -0.30
N THR A 91 7.10 1.61 0.08
CA THR A 91 6.48 2.75 -0.57
C THR A 91 7.49 3.41 -1.52
N THR A 92 7.02 4.36 -2.33
CA THR A 92 7.89 5.02 -3.29
C THR A 92 8.28 6.44 -2.87
N PRO A 93 9.49 6.62 -2.30
CA PRO A 93 9.97 7.94 -1.88
C PRO A 93 9.87 9.00 -2.99
N LEU A 94 10.04 10.25 -2.59
CA LEU A 94 9.97 11.39 -3.50
C LEU A 94 11.08 11.31 -4.55
N GLU A 95 10.89 12.00 -5.66
CA GLU A 95 11.86 12.01 -6.75
C GLU A 95 11.64 13.23 -7.65
N ASN A 96 12.61 13.49 -8.50
CA ASN A 96 12.55 14.62 -9.43
C ASN A 96 11.66 14.31 -10.62
N SER B 1 -3.31 7.73 -15.62
CA SER B 1 -3.02 7.26 -14.26
C SER B 1 -4.20 7.53 -13.33
N TRP B 2 -4.40 6.65 -12.35
CA TRP B 2 -5.48 6.77 -11.37
C TRP B 2 -6.85 6.46 -11.99
N GLU B 3 -7.76 5.95 -11.17
CA GLU B 3 -9.10 5.60 -11.61
C GLU B 3 -10.05 5.54 -10.41
N SER B 4 -11.34 5.41 -10.69
CA SER B 4 -12.34 5.33 -9.66
C SER B 4 -12.25 4.00 -8.91
N HIS B 5 -12.97 3.91 -7.79
CA HIS B 5 -12.96 2.71 -6.99
C HIS B 5 -13.74 1.60 -7.70
N LYS B 6 -13.05 0.49 -7.93
CA LYS B 6 -13.65 -0.66 -8.61
C LYS B 6 -13.67 -1.86 -7.66
N SER B 7 -13.70 -3.06 -8.25
CA SER B 7 -13.71 -4.30 -7.48
C SER B 7 -12.61 -4.34 -6.43
N GLY B 8 -12.97 -4.72 -5.22
CA GLY B 8 -12.02 -4.79 -4.14
C GLY B 8 -12.56 -4.18 -2.87
N GLY B 9 -13.25 -3.06 -3.02
CA GLY B 9 -13.83 -2.38 -1.87
C GLY B 9 -12.81 -1.56 -1.11
N GLU B 10 -13.04 -1.41 0.18
CA GLU B 10 -12.16 -0.64 1.06
C GLU B 10 -12.03 -1.34 2.41
N THR B 11 -10.84 -1.86 2.68
CA THR B 11 -10.57 -2.54 3.93
C THR B 11 -9.26 -2.03 4.52
N ARG B 12 -9.36 -0.98 5.31
CA ARG B 12 -8.20 -0.37 5.94
C ARG B 12 -7.80 -1.12 7.21
N LEU B 13 -6.51 -1.11 7.52
CA LEU B 13 -6.01 -1.77 8.71
C LEU B 13 -5.04 -0.86 9.44
N GLY A 1 12.70 8.54 -11.87
CA GLY A 1 12.04 8.09 -10.62
C GLY A 1 13.05 7.63 -9.57
N GLY A 2 13.40 6.36 -9.60
CA GLY A 2 14.35 5.83 -8.66
C GLY A 2 14.24 4.33 -8.54
N SER A 3 14.97 3.76 -7.60
CA SER A 3 14.95 2.32 -7.39
C SER A 3 15.20 1.99 -5.92
N MET A 4 14.99 0.73 -5.56
CA MET A 4 15.18 0.26 -4.18
C MET A 4 14.25 0.99 -3.21
N ARG A 5 12.99 0.57 -3.20
CA ARG A 5 12.01 1.17 -2.30
C ARG A 5 12.27 0.70 -0.88
N PRO A 6 12.20 1.59 0.13
CA PRO A 6 12.46 1.24 1.52
C PRO A 6 11.20 0.79 2.27
N PRO A 7 11.09 -0.50 2.61
CA PRO A 7 9.95 -1.03 3.34
C PRO A 7 9.88 -0.55 4.78
N ILE A 8 8.77 0.08 5.10
CA ILE A 8 8.52 0.57 6.42
C ILE A 8 7.89 -0.55 7.24
N ILE A 9 8.62 -1.03 8.21
CA ILE A 9 8.13 -2.11 9.04
C ILE A 9 7.13 -1.61 10.08
N ILE A 10 5.85 -1.81 9.82
CA ILE A 10 4.83 -1.42 10.78
C ILE A 10 4.81 -2.48 11.87
N HIS A 11 4.24 -2.17 13.01
CA HIS A 11 4.16 -3.11 14.09
C HIS A 11 2.80 -2.96 14.74
N ARG A 12 1.98 -3.99 14.61
CA ARG A 12 0.63 -3.98 15.17
C ARG A 12 0.67 -3.87 16.69
N ALA A 13 0.43 -2.67 17.19
CA ALA A 13 0.43 -2.40 18.62
C ALA A 13 -0.87 -2.86 19.28
N GLY A 14 -1.27 -4.10 18.99
CA GLY A 14 -2.48 -4.65 19.56
C GLY A 14 -3.74 -4.09 18.93
N LYS A 15 -3.59 -3.40 17.81
CA LYS A 15 -4.74 -2.83 17.12
C LYS A 15 -4.66 -3.05 15.62
N LYS A 16 -3.91 -2.20 14.93
CA LYS A 16 -3.76 -2.29 13.48
C LYS A 16 -2.47 -1.62 13.05
N TYR A 17 -2.21 -1.63 11.74
CA TYR A 17 -1.01 -1.02 11.18
C TYR A 17 -1.24 0.46 10.92
N GLY A 18 -2.40 0.92 11.34
CA GLY A 18 -2.77 2.31 11.24
C GLY A 18 -2.67 2.94 9.87
N PHE A 19 -3.23 2.31 8.86
CA PHE A 19 -3.24 2.91 7.52
C PHE A 19 -4.20 2.22 6.57
N THR A 20 -4.72 3.02 5.66
CA THR A 20 -5.68 2.60 4.64
C THR A 20 -5.02 2.22 3.31
N LEU A 21 -5.16 0.96 2.88
CA LEU A 21 -4.59 0.52 1.61
C LEU A 21 -5.61 0.73 0.48
N ARG A 22 -5.64 1.93 -0.08
CA ARG A 22 -6.55 2.27 -1.16
C ARG A 22 -6.18 1.54 -2.46
N ALA A 23 -7.19 1.10 -3.22
CA ALA A 23 -6.95 0.40 -4.48
C ALA A 23 -7.31 1.28 -5.67
N ILE A 24 -6.56 1.16 -6.76
CA ILE A 24 -6.80 1.95 -7.96
C ILE A 24 -6.43 1.17 -9.22
N ARG A 25 -7.24 1.31 -10.27
CA ARG A 25 -6.98 0.65 -11.54
C ARG A 25 -6.48 1.69 -12.56
N VAL A 26 -5.17 1.82 -12.66
CA VAL A 26 -4.57 2.76 -13.59
C VAL A 26 -4.51 2.20 -15.01
N TYR A 27 -5.26 2.81 -15.92
CA TYR A 27 -5.29 2.38 -17.30
C TYR A 27 -4.11 2.96 -18.06
N MET A 28 -3.29 2.10 -18.63
CA MET A 28 -2.11 2.53 -19.37
C MET A 28 -2.47 2.88 -20.81
N GLY A 29 -2.74 4.16 -21.04
CA GLY A 29 -3.09 4.61 -22.37
C GLY A 29 -4.59 4.68 -22.56
N ASP A 30 -5.04 4.40 -23.78
CA ASP A 30 -6.46 4.44 -24.10
C ASP A 30 -7.04 3.04 -24.11
N SER A 31 -6.17 2.04 -24.12
CA SER A 31 -6.58 0.65 -24.14
C SER A 31 -7.15 0.24 -22.77
N ASP A 32 -7.77 -0.94 -22.73
CA ASP A 32 -8.38 -1.44 -21.51
C ASP A 32 -7.36 -2.05 -20.54
N VAL A 33 -6.08 -1.87 -20.81
CA VAL A 33 -5.04 -2.39 -19.95
C VAL A 33 -4.87 -1.49 -18.73
N TYR A 34 -4.87 -2.10 -17.57
CA TYR A 34 -4.73 -1.37 -16.32
C TYR A 34 -3.89 -2.16 -15.33
N THR A 35 -3.12 -1.45 -14.51
CA THR A 35 -2.31 -2.11 -13.51
C THR A 35 -2.91 -1.86 -12.14
N VAL A 36 -3.01 -2.91 -11.34
CA VAL A 36 -3.57 -2.78 -10.01
C VAL A 36 -2.53 -2.35 -9.01
N HIS A 37 -2.63 -1.11 -8.55
CA HIS A 37 -1.71 -0.57 -7.56
C HIS A 37 -2.47 -0.22 -6.31
N HIS A 38 -1.76 0.26 -5.30
CA HIS A 38 -2.36 0.63 -4.04
C HIS A 38 -1.59 1.76 -3.42
N MET A 39 -2.26 2.56 -2.60
CA MET A 39 -1.65 3.71 -1.97
C MET A 39 -2.25 3.95 -0.61
N VAL A 40 -1.42 4.40 0.32
CA VAL A 40 -1.89 4.66 1.66
C VAL A 40 -2.74 5.94 1.66
N TRP A 41 -4.04 5.73 1.72
CA TRP A 41 -4.99 6.83 1.69
C TRP A 41 -4.98 7.62 2.97
N HIS A 42 -4.84 6.92 4.06
CA HIS A 42 -4.83 7.52 5.37
C HIS A 42 -4.09 6.66 6.35
N VAL A 43 -3.10 7.24 6.98
CA VAL A 43 -2.32 6.51 7.96
C VAL A 43 -2.38 7.22 9.30
N GLU A 44 -2.78 6.47 10.30
CA GLU A 44 -2.93 6.94 11.65
C GLU A 44 -1.58 7.28 12.26
N ASP A 45 -1.43 8.54 12.65
CA ASP A 45 -0.19 9.02 13.25
C ASP A 45 -0.18 8.76 14.75
N GLY A 46 -0.94 7.76 15.17
CA GLY A 46 -1.02 7.42 16.59
C GLY A 46 0.13 6.53 17.03
N GLY A 47 0.73 5.80 16.10
CA GLY A 47 1.82 4.93 16.48
C GLY A 47 2.29 3.99 15.38
N PRO A 48 1.38 3.23 14.73
CA PRO A 48 1.73 2.25 13.67
C PRO A 48 2.53 2.79 12.46
N ALA A 49 2.02 2.50 11.26
CA ALA A 49 2.67 2.86 9.99
C ALA A 49 3.19 4.29 9.94
N SER A 50 2.47 5.26 10.48
CA SER A 50 2.88 6.65 10.43
C SER A 50 4.23 6.89 11.12
N GLU A 51 4.28 6.61 12.41
CA GLU A 51 5.50 6.81 13.19
C GLU A 51 6.64 5.97 12.65
N ALA A 52 6.28 4.81 12.14
CA ALA A 52 7.25 3.89 11.55
C ALA A 52 7.98 4.55 10.39
N GLY A 53 7.30 5.46 9.71
CA GLY A 53 7.91 6.15 8.59
C GLY A 53 6.99 6.28 7.40
N LEU A 54 5.86 5.57 7.42
CA LEU A 54 4.92 5.63 6.32
C LEU A 54 4.25 6.99 6.24
N ARG A 55 4.51 7.66 5.15
CA ARG A 55 3.94 8.97 4.91
C ARG A 55 2.66 8.84 4.10
N GLN A 56 1.57 9.39 4.61
CA GLN A 56 0.29 9.37 3.91
C GLN A 56 0.43 9.86 2.47
N GLY A 57 -0.26 9.21 1.55
CA GLY A 57 -0.19 9.60 0.15
C GLY A 57 0.94 8.91 -0.61
N ASP A 58 1.56 7.93 0.02
CA ASP A 58 2.65 7.18 -0.60
C ASP A 58 2.11 6.00 -1.38
N LEU A 59 2.82 5.64 -2.46
CA LEU A 59 2.43 4.53 -3.29
C LEU A 59 3.18 3.27 -2.87
N ILE A 60 2.45 2.20 -2.67
CA ILE A 60 3.06 0.94 -2.26
C ILE A 60 3.50 0.13 -3.47
N THR A 61 4.76 -0.25 -3.49
CA THR A 61 5.30 -1.03 -4.58
C THR A 61 5.43 -2.49 -4.21
N HIS A 62 5.82 -2.74 -2.96
CA HIS A 62 6.01 -4.10 -2.46
C HIS A 62 5.52 -4.22 -1.02
N VAL A 63 5.26 -5.44 -0.61
CA VAL A 63 4.82 -5.70 0.75
C VAL A 63 5.46 -6.98 1.28
N ASN A 64 6.36 -6.82 2.23
CA ASN A 64 7.06 -7.94 2.86
C ASN A 64 7.88 -8.73 1.83
N GLY A 65 8.28 -8.04 0.78
CA GLY A 65 9.04 -8.69 -0.27
C GLY A 65 8.14 -9.44 -1.23
N GLU A 66 7.07 -8.79 -1.62
CA GLU A 66 6.12 -9.34 -2.55
C GLU A 66 5.42 -8.20 -3.27
N PRO A 67 5.70 -8.05 -4.57
CA PRO A 67 5.11 -7.03 -5.42
C PRO A 67 3.61 -7.01 -5.28
N VAL A 68 3.09 -5.82 -5.10
CA VAL A 68 1.66 -5.61 -4.92
C VAL A 68 1.01 -5.43 -6.26
N HIS A 69 1.88 -5.31 -7.24
CA HIS A 69 1.54 -5.13 -8.61
C HIS A 69 0.63 -6.25 -9.12
N GLY A 70 -0.67 -6.02 -9.09
CA GLY A 70 -1.62 -7.02 -9.55
C GLY A 70 -2.46 -7.57 -8.42
N LEU A 71 -2.07 -7.28 -7.19
CA LEU A 71 -2.80 -7.75 -6.01
C LEU A 71 -4.08 -6.95 -5.87
N VAL A 72 -5.17 -7.61 -5.53
CA VAL A 72 -6.44 -6.93 -5.35
C VAL A 72 -6.45 -6.23 -3.99
N HIS A 73 -7.43 -5.36 -3.78
CA HIS A 73 -7.59 -4.59 -2.54
C HIS A 73 -7.40 -5.43 -1.29
N THR A 74 -8.04 -6.57 -1.30
CA THR A 74 -8.02 -7.47 -0.16
C THR A 74 -6.75 -8.31 -0.09
N GLU A 75 -6.07 -8.46 -1.22
CA GLU A 75 -4.85 -9.25 -1.26
C GLU A 75 -3.71 -8.57 -0.52
N VAL A 76 -3.60 -7.24 -0.67
CA VAL A 76 -2.54 -6.51 0.02
C VAL A 76 -2.79 -6.58 1.52
N VAL A 77 -4.04 -6.35 1.91
CA VAL A 77 -4.45 -6.43 3.29
C VAL A 77 -4.10 -7.80 3.86
N GLU A 78 -4.42 -8.84 3.10
CA GLU A 78 -4.14 -10.20 3.52
C GLU A 78 -2.64 -10.43 3.60
N LEU A 79 -1.93 -9.95 2.59
CA LEU A 79 -0.46 -10.06 2.54
C LEU A 79 0.13 -9.50 3.83
N ILE A 80 -0.41 -8.37 4.28
CA ILE A 80 0.05 -7.73 5.49
C ILE A 80 -0.29 -8.57 6.71
N LEU A 81 -1.56 -8.96 6.82
CA LEU A 81 -2.03 -9.78 7.93
C LEU A 81 -1.30 -11.11 7.97
N LYS A 82 -0.93 -11.61 6.79
CA LYS A 82 -0.22 -12.87 6.63
C LYS A 82 1.13 -12.83 7.31
N SER A 83 1.78 -11.68 7.21
CA SER A 83 3.09 -11.48 7.80
C SER A 83 3.07 -11.76 9.30
N GLY A 84 2.15 -11.14 10.02
CA GLY A 84 2.06 -11.37 11.44
C GLY A 84 1.84 -10.11 12.24
N ASN A 85 2.59 -9.97 13.33
CA ASN A 85 2.47 -8.81 14.21
C ASN A 85 3.08 -7.56 13.59
N LYS A 86 3.64 -7.71 12.40
CA LYS A 86 4.26 -6.61 11.70
C LYS A 86 4.37 -6.90 10.22
N VAL A 87 4.83 -5.92 9.47
CA VAL A 87 4.97 -6.09 8.01
C VAL A 87 5.81 -4.97 7.37
N ALA A 88 6.53 -5.33 6.32
CA ALA A 88 7.39 -4.40 5.59
C ALA A 88 6.66 -3.79 4.39
N ILE A 89 6.11 -2.60 4.58
CA ILE A 89 5.40 -1.93 3.49
C ILE A 89 6.38 -1.08 2.67
N SER A 90 6.63 -1.49 1.43
CA SER A 90 7.56 -0.77 0.57
C SER A 90 6.84 0.33 -0.21
N THR A 91 7.16 1.58 0.11
CA THR A 91 6.56 2.72 -0.55
C THR A 91 7.60 3.42 -1.44
N THR A 92 7.16 4.38 -2.24
CA THR A 92 8.08 5.07 -3.13
C THR A 92 8.45 6.47 -2.64
N PRO A 93 9.69 6.66 -2.12
CA PRO A 93 10.16 7.96 -1.65
C PRO A 93 10.09 9.05 -2.71
N LEU A 94 10.42 10.27 -2.31
CA LEU A 94 10.39 11.43 -3.20
C LEU A 94 11.41 11.28 -4.33
N GLU A 95 11.20 12.03 -5.40
CA GLU A 95 12.10 11.98 -6.56
C GLU A 95 12.00 13.28 -7.36
N ASN A 96 13.05 13.56 -8.12
CA ASN A 96 13.12 14.76 -8.95
C ASN A 96 12.30 14.59 -10.22
N SER B 1 -3.71 7.56 -14.94
CA SER B 1 -3.00 7.40 -13.65
C SER B 1 -3.99 7.32 -12.49
N TRP B 2 -5.29 7.27 -12.84
CA TRP B 2 -6.36 7.18 -11.86
C TRP B 2 -7.68 7.15 -12.62
N GLU B 3 -8.07 5.97 -13.06
CA GLU B 3 -9.27 5.82 -13.84
C GLU B 3 -10.38 5.16 -13.02
N SER B 4 -10.30 3.85 -12.85
CA SER B 4 -11.31 3.13 -12.09
C SER B 4 -10.85 2.87 -10.66
N HIS B 5 -11.78 2.91 -9.73
CA HIS B 5 -11.48 2.67 -8.33
C HIS B 5 -12.04 1.32 -7.88
N LYS B 6 -12.94 0.77 -8.69
CA LYS B 6 -13.57 -0.50 -8.39
C LYS B 6 -12.56 -1.64 -8.45
N SER B 7 -12.04 -2.01 -7.29
CA SER B 7 -11.07 -3.09 -7.20
C SER B 7 -11.08 -3.70 -5.80
N GLY B 8 -12.22 -3.58 -5.13
CA GLY B 8 -12.35 -4.10 -3.79
C GLY B 8 -13.29 -3.26 -2.94
N GLY B 9 -12.74 -2.38 -2.13
CA GLY B 9 -13.55 -1.54 -1.29
C GLY B 9 -12.71 -0.53 -0.53
N GLU B 10 -12.92 -0.46 0.78
CA GLU B 10 -12.18 0.46 1.63
C GLU B 10 -11.62 -0.28 2.84
N THR B 11 -11.22 -1.52 2.62
CA THR B 11 -10.66 -2.37 3.66
C THR B 11 -9.26 -1.88 4.03
N ARG B 12 -9.19 -1.13 5.12
CA ARG B 12 -7.92 -0.58 5.57
C ARG B 12 -7.24 -1.51 6.57
N LEU B 13 -6.02 -1.17 6.95
CA LEU B 13 -5.25 -1.94 7.89
C LEU B 13 -5.28 -1.26 9.25
N GLY A 1 12.59 8.61 -12.25
CA GLY A 1 12.23 8.00 -10.94
C GLY A 1 13.43 7.36 -10.26
N GLY A 2 13.17 6.63 -9.20
CA GLY A 2 14.24 5.98 -8.47
C GLY A 2 13.97 4.50 -8.28
N SER A 3 14.91 3.81 -7.66
CA SER A 3 14.78 2.37 -7.42
C SER A 3 15.03 2.08 -5.95
N MET A 4 14.96 0.79 -5.59
CA MET A 4 15.19 0.34 -4.20
C MET A 4 14.24 1.05 -3.23
N ARG A 5 12.98 0.63 -3.26
CA ARG A 5 11.99 1.21 -2.37
C ARG A 5 12.23 0.71 -0.95
N PRO A 6 12.17 1.59 0.06
CA PRO A 6 12.42 1.24 1.45
C PRO A 6 11.15 0.76 2.16
N PRO A 7 11.12 -0.51 2.61
CA PRO A 7 9.98 -1.05 3.33
C PRO A 7 9.88 -0.55 4.76
N ILE A 8 8.77 0.07 5.06
CA ILE A 8 8.49 0.59 6.38
C ILE A 8 7.88 -0.51 7.20
N ILE A 9 8.61 -0.97 8.19
CA ILE A 9 8.14 -2.05 9.03
C ILE A 9 7.13 -1.57 10.07
N ILE A 10 5.85 -1.77 9.79
CA ILE A 10 4.82 -1.41 10.75
C ILE A 10 4.81 -2.49 11.82
N HIS A 11 4.25 -2.19 12.96
CA HIS A 11 4.16 -3.15 14.04
C HIS A 11 2.78 -3.00 14.66
N ARG A 12 1.96 -4.02 14.48
CA ARG A 12 0.61 -4.02 14.99
C ARG A 12 0.61 -3.94 16.51
N ALA A 13 0.32 -2.76 17.02
CA ALA A 13 0.28 -2.51 18.46
C ALA A 13 -1.02 -3.03 19.08
N GLY A 14 -1.37 -4.26 18.75
CA GLY A 14 -2.58 -4.87 19.28
C GLY A 14 -3.84 -4.43 18.58
N LYS A 15 -3.72 -3.49 17.65
CA LYS A 15 -4.87 -2.99 16.91
C LYS A 15 -4.72 -3.21 15.41
N LYS A 16 -3.97 -2.34 14.76
CA LYS A 16 -3.77 -2.43 13.31
C LYS A 16 -2.47 -1.75 12.91
N TYR A 17 -2.22 -1.68 11.61
CA TYR A 17 -1.02 -1.04 11.08
C TYR A 17 -1.28 0.43 10.85
N GLY A 18 -2.46 0.85 11.27
CA GLY A 18 -2.87 2.24 11.20
C GLY A 18 -2.78 2.90 9.84
N PHE A 19 -3.28 2.26 8.80
CA PHE A 19 -3.30 2.86 7.47
C PHE A 19 -4.25 2.17 6.50
N THR A 20 -4.80 2.98 5.64
CA THR A 20 -5.78 2.56 4.63
C THR A 20 -5.11 2.23 3.27
N LEU A 21 -5.16 0.96 2.86
CA LEU A 21 -4.57 0.54 1.57
C LEU A 21 -5.59 0.63 0.44
N ARG A 22 -5.77 1.82 -0.11
CA ARG A 22 -6.72 2.02 -1.21
C ARG A 22 -6.18 1.44 -2.52
N ALA A 23 -7.07 0.89 -3.33
CA ALA A 23 -6.69 0.30 -4.61
C ALA A 23 -6.98 1.26 -5.76
N ILE A 24 -6.15 1.22 -6.78
CA ILE A 24 -6.33 2.06 -7.96
C ILE A 24 -5.87 1.32 -9.20
N ARG A 25 -6.62 1.46 -10.29
CA ARG A 25 -6.27 0.79 -11.54
C ARG A 25 -5.83 1.80 -12.59
N VAL A 26 -4.53 1.89 -12.79
CA VAL A 26 -3.98 2.80 -13.78
C VAL A 26 -3.98 2.15 -15.17
N TYR A 27 -4.75 2.71 -16.08
CA TYR A 27 -4.81 2.18 -17.43
C TYR A 27 -3.62 2.65 -18.24
N MET A 28 -3.17 1.82 -19.17
CA MET A 28 -2.03 2.17 -20.01
C MET A 28 -2.51 2.95 -21.23
N GLY A 29 -3.09 4.11 -20.97
CA GLY A 29 -3.62 4.94 -22.04
C GLY A 29 -4.92 4.37 -22.56
N ASP A 30 -5.05 4.31 -23.87
CA ASP A 30 -6.25 3.76 -24.48
C ASP A 30 -6.06 2.27 -24.70
N SER A 31 -6.37 1.49 -23.68
CA SER A 31 -6.24 0.06 -23.74
C SER A 31 -7.02 -0.58 -22.60
N ASP A 32 -7.31 -1.87 -22.72
CA ASP A 32 -8.05 -2.59 -21.70
C ASP A 32 -7.13 -3.00 -20.56
N VAL A 33 -5.84 -2.97 -20.83
CA VAL A 33 -4.84 -3.36 -19.86
C VAL A 33 -4.59 -2.21 -18.88
N TYR A 34 -4.45 -2.58 -17.62
CA TYR A 34 -4.20 -1.62 -16.57
C TYR A 34 -3.39 -2.26 -15.46
N THR A 35 -2.68 -1.47 -14.69
CA THR A 35 -1.88 -1.98 -13.60
C THR A 35 -2.59 -1.71 -12.28
N VAL A 36 -2.74 -2.74 -11.47
CA VAL A 36 -3.39 -2.62 -10.19
C VAL A 36 -2.40 -2.19 -9.11
N HIS A 37 -2.49 -0.95 -8.68
CA HIS A 37 -1.61 -0.42 -7.66
C HIS A 37 -2.38 -0.13 -6.39
N HIS A 38 -1.69 0.35 -5.38
CA HIS A 38 -2.29 0.67 -4.09
C HIS A 38 -1.53 1.82 -3.46
N MET A 39 -2.22 2.59 -2.64
CA MET A 39 -1.61 3.75 -1.99
C MET A 39 -2.22 3.96 -0.63
N VAL A 40 -1.41 4.43 0.30
CA VAL A 40 -1.89 4.70 1.65
C VAL A 40 -2.78 5.93 1.63
N TRP A 41 -4.08 5.66 1.68
CA TRP A 41 -5.08 6.70 1.65
C TRP A 41 -5.07 7.54 2.91
N HIS A 42 -4.87 6.87 4.03
CA HIS A 42 -4.83 7.52 5.32
C HIS A 42 -4.10 6.66 6.31
N VAL A 43 -3.13 7.24 6.98
CA VAL A 43 -2.36 6.51 7.95
C VAL A 43 -2.41 7.22 9.31
N GLU A 44 -2.80 6.46 10.30
CA GLU A 44 -2.94 6.94 11.66
C GLU A 44 -1.58 7.25 12.28
N ASP A 45 -1.44 8.48 12.74
CA ASP A 45 -0.21 8.96 13.37
C ASP A 45 -0.21 8.64 14.86
N GLY A 46 -1.03 7.68 15.25
CA GLY A 46 -1.12 7.30 16.65
C GLY A 46 -0.03 6.36 17.10
N GLY A 47 0.63 5.68 16.16
CA GLY A 47 1.67 4.76 16.57
C GLY A 47 2.16 3.83 15.47
N PRO A 48 1.25 3.14 14.73
CA PRO A 48 1.63 2.20 13.64
C PRO A 48 2.43 2.80 12.47
N ALA A 49 1.98 2.47 11.26
CA ALA A 49 2.61 2.86 9.99
C ALA A 49 3.15 4.29 9.97
N SER A 50 2.41 5.25 10.50
CA SER A 50 2.86 6.65 10.47
C SER A 50 4.16 6.86 11.24
N GLU A 51 4.14 6.55 12.53
CA GLU A 51 5.30 6.72 13.39
C GLU A 51 6.43 5.82 12.94
N ALA A 52 6.08 4.77 12.22
CA ALA A 52 7.05 3.83 11.68
C ALA A 52 7.83 4.46 10.55
N GLY A 53 7.23 5.43 9.87
CA GLY A 53 7.89 6.11 8.78
C GLY A 53 6.99 6.30 7.56
N LEU A 54 5.86 5.61 7.55
CA LEU A 54 4.93 5.71 6.42
C LEU A 54 4.27 7.08 6.36
N ARG A 55 4.56 7.79 5.30
CA ARG A 55 3.98 9.10 5.07
C ARG A 55 2.74 8.96 4.19
N GLN A 56 1.60 9.44 4.68
CA GLN A 56 0.34 9.40 3.94
C GLN A 56 0.51 9.92 2.50
N GLY A 57 -0.20 9.30 1.56
CA GLY A 57 -0.12 9.71 0.17
C GLY A 57 0.98 9.00 -0.59
N ASP A 58 1.63 8.05 0.06
CA ASP A 58 2.71 7.29 -0.55
C ASP A 58 2.16 6.09 -1.33
N LEU A 59 2.79 5.78 -2.45
CA LEU A 59 2.36 4.65 -3.27
C LEU A 59 3.14 3.41 -2.86
N ILE A 60 2.43 2.31 -2.70
CA ILE A 60 3.05 1.06 -2.30
C ILE A 60 3.47 0.26 -3.53
N THR A 61 4.73 -0.11 -3.59
CA THR A 61 5.25 -0.87 -4.69
C THR A 61 5.41 -2.34 -4.33
N HIS A 62 5.81 -2.58 -3.08
CA HIS A 62 6.02 -3.94 -2.59
C HIS A 62 5.56 -4.09 -1.16
N VAL A 63 5.26 -5.32 -0.76
CA VAL A 63 4.85 -5.61 0.60
C VAL A 63 5.42 -6.96 1.03
N ASN A 64 6.19 -6.96 2.11
CA ASN A 64 6.82 -8.18 2.63
C ASN A 64 7.68 -8.85 1.55
N GLY A 65 8.18 -8.04 0.62
CA GLY A 65 9.00 -8.57 -0.47
C GLY A 65 8.15 -9.27 -1.50
N GLU A 66 7.03 -8.66 -1.84
CA GLU A 66 6.10 -9.19 -2.79
C GLU A 66 5.37 -8.05 -3.49
N PRO A 67 5.76 -7.79 -4.75
CA PRO A 67 5.15 -6.78 -5.60
C PRO A 67 3.63 -6.78 -5.46
N VAL A 68 3.11 -5.61 -5.20
CA VAL A 68 1.69 -5.43 -5.02
C VAL A 68 1.02 -5.23 -6.35
N HIS A 69 1.88 -5.03 -7.31
CA HIS A 69 1.55 -4.81 -8.68
C HIS A 69 0.66 -5.93 -9.23
N GLY A 70 -0.64 -5.70 -9.23
CA GLY A 70 -1.57 -6.71 -9.73
C GLY A 70 -2.45 -7.27 -8.65
N LEU A 71 -2.10 -7.02 -7.38
CA LEU A 71 -2.87 -7.52 -6.27
C LEU A 71 -4.16 -6.72 -6.11
N VAL A 72 -5.23 -7.39 -5.69
CA VAL A 72 -6.50 -6.71 -5.50
C VAL A 72 -6.51 -5.96 -4.16
N HIS A 73 -7.52 -5.12 -3.95
CA HIS A 73 -7.64 -4.31 -2.73
C HIS A 73 -7.40 -5.13 -1.46
N THR A 74 -8.08 -6.25 -1.38
CA THR A 74 -7.99 -7.10 -0.20
C THR A 74 -6.75 -8.00 -0.22
N GLU A 75 -6.10 -8.12 -1.37
CA GLU A 75 -4.92 -8.96 -1.48
C GLU A 75 -3.74 -8.38 -0.72
N VAL A 76 -3.54 -7.06 -0.84
CA VAL A 76 -2.45 -6.41 -0.12
C VAL A 76 -2.69 -6.51 1.38
N VAL A 77 -3.93 -6.24 1.76
CA VAL A 77 -4.37 -6.34 3.14
C VAL A 77 -4.01 -7.72 3.69
N GLU A 78 -4.39 -8.75 2.95
CA GLU A 78 -4.10 -10.13 3.34
C GLU A 78 -2.61 -10.36 3.49
N LEU A 79 -1.84 -9.88 2.51
CA LEU A 79 -0.38 -10.00 2.53
C LEU A 79 0.17 -9.45 3.85
N ILE A 80 -0.39 -8.32 4.28
CA ILE A 80 0.03 -7.68 5.50
C ILE A 80 -0.45 -8.46 6.72
N LEU A 81 -1.73 -8.81 6.75
CA LEU A 81 -2.31 -9.55 7.86
C LEU A 81 -1.58 -10.88 8.07
N LYS A 82 -1.27 -11.55 6.95
CA LYS A 82 -0.57 -12.83 6.96
C LYS A 82 0.80 -12.73 7.62
N SER A 83 1.48 -11.61 7.36
CA SER A 83 2.81 -11.37 7.90
C SER A 83 2.85 -11.59 9.42
N GLY A 84 1.87 -11.05 10.13
CA GLY A 84 1.83 -11.25 11.57
C GLY A 84 1.75 -9.97 12.37
N ASN A 85 2.60 -9.88 13.39
CA ASN A 85 2.62 -8.72 14.28
C ASN A 85 3.23 -7.50 13.60
N LYS A 86 3.76 -7.69 12.41
CA LYS A 86 4.37 -6.60 11.68
C LYS A 86 4.45 -6.92 10.20
N VAL A 87 4.91 -5.95 9.43
CA VAL A 87 5.02 -6.13 7.98
C VAL A 87 5.86 -5.01 7.32
N ALA A 88 6.58 -5.39 6.26
CA ALA A 88 7.42 -4.47 5.51
C ALA A 88 6.68 -3.87 4.32
N ILE A 89 6.17 -2.66 4.48
CA ILE A 89 5.48 -1.98 3.40
C ILE A 89 6.45 -1.11 2.59
N SER A 90 6.70 -1.46 1.35
CA SER A 90 7.62 -0.71 0.51
C SER A 90 6.88 0.37 -0.29
N THR A 91 7.16 1.63 0.03
CA THR A 91 6.54 2.74 -0.66
C THR A 91 7.55 3.45 -1.56
N THR A 92 7.09 4.44 -2.32
CA THR A 92 7.97 5.14 -3.24
C THR A 92 8.40 6.54 -2.74
N PRO A 93 9.63 6.67 -2.21
CA PRO A 93 10.15 7.97 -1.74
C PRO A 93 10.06 9.06 -2.81
N LEU A 94 10.33 10.28 -2.40
CA LEU A 94 10.31 11.44 -3.28
C LEU A 94 11.37 11.31 -4.37
N GLU A 95 11.18 12.01 -5.48
CA GLU A 95 12.11 11.95 -6.59
C GLU A 95 11.95 13.16 -7.51
N ASN A 96 12.97 13.41 -8.32
CA ASN A 96 12.95 14.51 -9.26
C ASN A 96 12.19 14.09 -10.52
N SER B 1 -4.97 10.36 -12.90
CA SER B 1 -4.23 9.55 -11.89
C SER B 1 -4.59 8.08 -12.02
N TRP B 2 -5.88 7.77 -12.00
CA TRP B 2 -6.36 6.40 -12.13
C TRP B 2 -7.71 6.39 -12.84
N GLU B 3 -7.97 5.35 -13.60
CA GLU B 3 -9.23 5.25 -14.33
C GLU B 3 -10.27 4.52 -13.50
N SER B 4 -9.81 3.69 -12.57
CA SER B 4 -10.70 2.94 -11.70
C SER B 4 -10.18 2.97 -10.27
N HIS B 5 -11.10 2.95 -9.31
CA HIS B 5 -10.73 3.00 -7.90
C HIS B 5 -11.16 1.71 -7.19
N LYS B 6 -12.46 1.59 -6.94
CA LYS B 6 -13.01 0.42 -6.27
C LYS B 6 -12.61 -0.87 -6.97
N SER B 7 -11.80 -1.66 -6.28
CA SER B 7 -11.33 -2.92 -6.82
C SER B 7 -11.32 -3.99 -5.73
N GLY B 8 -12.52 -4.37 -5.27
CA GLY B 8 -12.64 -5.36 -4.23
C GLY B 8 -13.17 -4.77 -2.95
N GLY B 9 -13.61 -3.51 -3.03
CA GLY B 9 -14.14 -2.83 -1.87
C GLY B 9 -13.26 -1.69 -1.43
N GLU B 10 -13.36 -1.31 -0.17
CA GLU B 10 -12.57 -0.23 0.40
C GLU B 10 -12.01 -0.65 1.77
N THR B 11 -11.21 -1.71 1.74
CA THR B 11 -10.61 -2.25 2.95
C THR B 11 -9.47 -1.36 3.46
N ARG B 12 -8.89 -1.72 4.59
CA ARG B 12 -7.80 -0.98 5.19
C ARG B 12 -7.05 -1.84 6.19
N LEU B 13 -5.93 -1.34 6.68
CA LEU B 13 -5.12 -2.08 7.65
C LEU B 13 -5.23 -1.43 9.02
N GLY A 1 12.63 8.49 -12.09
CA GLY A 1 12.11 8.14 -10.75
C GLY A 1 13.22 7.70 -9.81
N GLY A 2 13.17 6.43 -9.41
CA GLY A 2 14.17 5.89 -8.52
C GLY A 2 14.01 4.41 -8.32
N SER A 3 14.87 3.82 -7.51
CA SER A 3 14.82 2.40 -7.24
C SER A 3 15.08 2.13 -5.76
N MET A 4 15.12 0.86 -5.40
CA MET A 4 15.36 0.45 -4.02
C MET A 4 14.36 1.10 -3.07
N ARG A 5 13.12 0.65 -3.15
CA ARG A 5 12.06 1.20 -2.30
C ARG A 5 12.28 0.74 -0.87
N PRO A 6 12.20 1.65 0.11
CA PRO A 6 12.43 1.32 1.52
C PRO A 6 11.17 0.83 2.24
N PRO A 7 11.10 -0.47 2.59
CA PRO A 7 9.95 -1.01 3.30
C PRO A 7 9.86 -0.51 4.72
N ILE A 8 8.73 0.07 5.04
CA ILE A 8 8.47 0.58 6.36
C ILE A 8 7.88 -0.52 7.20
N ILE A 9 8.65 -1.00 8.14
CA ILE A 9 8.19 -2.09 8.99
C ILE A 9 7.19 -1.60 10.03
N ILE A 10 5.91 -1.80 9.77
CA ILE A 10 4.89 -1.43 10.73
C ILE A 10 4.89 -2.49 11.81
N HIS A 11 4.36 -2.16 12.97
CA HIS A 11 4.28 -3.10 14.05
C HIS A 11 2.92 -2.95 14.69
N ARG A 12 2.08 -3.95 14.50
CA ARG A 12 0.75 -3.94 15.04
C ARG A 12 0.78 -3.92 16.57
N ALA A 13 0.52 -2.75 17.14
CA ALA A 13 0.52 -2.59 18.59
C ALA A 13 -0.79 -3.11 19.18
N GLY A 14 -1.15 -4.34 18.81
CA GLY A 14 -2.38 -4.94 19.30
C GLY A 14 -3.59 -4.52 18.48
N LYS A 15 -3.60 -3.26 18.07
CA LYS A 15 -4.71 -2.72 17.29
C LYS A 15 -4.54 -3.03 15.79
N LYS A 16 -3.83 -2.17 15.08
CA LYS A 16 -3.64 -2.36 13.64
C LYS A 16 -2.37 -1.68 13.16
N TYR A 17 -2.16 -1.69 11.83
CA TYR A 17 -0.99 -1.05 11.23
C TYR A 17 -1.28 0.40 10.94
N GLY A 18 -2.49 0.82 11.31
CA GLY A 18 -2.91 2.19 11.17
C GLY A 18 -2.76 2.82 9.80
N PHE A 19 -3.29 2.20 8.78
CA PHE A 19 -3.26 2.78 7.43
C PHE A 19 -4.21 2.09 6.46
N THR A 20 -4.76 2.91 5.59
CA THR A 20 -5.72 2.48 4.58
C THR A 20 -5.06 2.09 3.24
N LEU A 21 -5.18 0.81 2.85
CA LEU A 21 -4.62 0.35 1.58
C LEU A 21 -5.64 0.49 0.46
N ARG A 22 -5.73 1.70 -0.08
CA ARG A 22 -6.67 2.00 -1.16
C ARG A 22 -6.25 1.32 -2.46
N ALA A 23 -7.14 0.54 -3.05
CA ALA A 23 -6.85 -0.12 -4.32
C ALA A 23 -7.07 0.86 -5.47
N ILE A 24 -6.20 0.81 -6.47
CA ILE A 24 -6.34 1.71 -7.62
C ILE A 24 -5.99 1.00 -8.92
N ARG A 25 -6.77 1.30 -9.96
CA ARG A 25 -6.56 0.70 -11.27
C ARG A 25 -5.96 1.71 -12.23
N VAL A 26 -4.64 1.71 -12.34
CA VAL A 26 -3.96 2.62 -13.25
C VAL A 26 -3.98 2.07 -14.68
N TYR A 27 -4.89 2.60 -15.49
CA TYR A 27 -4.99 2.17 -16.87
C TYR A 27 -3.95 2.87 -17.71
N MET A 28 -3.63 2.29 -18.86
CA MET A 28 -2.64 2.89 -19.75
C MET A 28 -3.33 3.76 -20.79
N GLY A 29 -4.11 4.73 -20.30
CA GLY A 29 -4.83 5.62 -21.18
C GLY A 29 -5.91 4.91 -21.97
N ASP A 30 -5.87 5.05 -23.28
CA ASP A 30 -6.85 4.39 -24.16
C ASP A 30 -6.43 2.96 -24.40
N SER A 31 -6.55 2.14 -23.36
CA SER A 31 -6.19 0.73 -23.43
C SER A 31 -6.85 -0.01 -22.27
N ASP A 32 -7.16 -1.28 -22.50
CA ASP A 32 -7.80 -2.10 -21.48
C ASP A 32 -6.80 -2.59 -20.44
N VAL A 33 -5.52 -2.43 -20.75
CA VAL A 33 -4.46 -2.86 -19.84
C VAL A 33 -4.31 -1.88 -18.69
N TYR A 34 -4.26 -2.44 -17.49
CA TYR A 34 -4.11 -1.66 -16.27
C TYR A 34 -3.37 -2.45 -15.21
N THR A 35 -2.63 -1.77 -14.38
CA THR A 35 -1.90 -2.42 -13.31
C THR A 35 -2.64 -2.23 -12.00
N VAL A 36 -2.88 -3.31 -11.30
CA VAL A 36 -3.57 -3.24 -10.02
C VAL A 36 -2.60 -2.85 -8.92
N HIS A 37 -2.58 -1.55 -8.62
CA HIS A 37 -1.70 -1.02 -7.58
C HIS A 37 -2.53 -0.59 -6.38
N HIS A 38 -1.86 0.03 -5.41
CA HIS A 38 -2.52 0.50 -4.20
C HIS A 38 -1.81 1.73 -3.67
N MET A 39 -2.45 2.42 -2.74
CA MET A 39 -1.88 3.63 -2.17
C MET A 39 -2.42 3.85 -0.78
N VAL A 40 -1.56 4.25 0.15
CA VAL A 40 -1.99 4.50 1.51
C VAL A 40 -2.82 5.78 1.54
N TRP A 41 -4.12 5.59 1.61
CA TRP A 41 -5.07 6.67 1.60
C TRP A 41 -5.01 7.48 2.86
N HIS A 42 -4.87 6.78 3.96
CA HIS A 42 -4.81 7.43 5.26
C HIS A 42 -4.07 6.57 6.23
N VAL A 43 -3.09 7.14 6.89
CA VAL A 43 -2.30 6.41 7.85
C VAL A 43 -2.30 7.13 9.20
N GLU A 44 -2.70 6.39 10.21
CA GLU A 44 -2.80 6.88 11.56
C GLU A 44 -1.45 7.16 12.18
N ASP A 45 -1.24 8.42 12.54
CA ASP A 45 0.01 8.86 13.15
C ASP A 45 -0.02 8.69 14.66
N GLY A 46 -0.73 7.66 15.09
CA GLY A 46 -0.84 7.39 16.51
C GLY A 46 0.21 6.43 17.02
N GLY A 47 0.78 5.62 16.12
CA GLY A 47 1.78 4.68 16.55
C GLY A 47 2.26 3.73 15.46
N PRO A 48 1.34 3.06 14.75
CA PRO A 48 1.68 2.09 13.68
C PRO A 48 2.47 2.66 12.48
N ALA A 49 1.99 2.34 11.28
CA ALA A 49 2.61 2.70 10.00
C ALA A 49 3.14 4.13 9.96
N SER A 50 2.38 5.11 10.43
CA SER A 50 2.82 6.50 10.36
C SER A 50 4.09 6.75 11.15
N GLU A 51 4.04 6.45 12.44
CA GLU A 51 5.18 6.65 13.33
C GLU A 51 6.36 5.78 12.89
N ALA A 52 6.04 4.70 12.21
CA ALA A 52 7.04 3.79 11.70
C ALA A 52 7.81 4.44 10.54
N GLY A 53 7.17 5.41 9.89
CA GLY A 53 7.82 6.11 8.80
C GLY A 53 6.90 6.31 7.60
N LEU A 54 5.77 5.61 7.60
CA LEU A 54 4.83 5.72 6.50
C LEU A 54 4.15 7.08 6.46
N ARG A 55 4.40 7.80 5.38
CA ARG A 55 3.80 9.09 5.15
C ARG A 55 2.59 8.95 4.23
N GLN A 56 1.44 9.44 4.66
CA GLN A 56 0.21 9.38 3.87
C GLN A 56 0.44 9.92 2.46
N GLY A 57 -0.19 9.28 1.49
CA GLY A 57 -0.05 9.71 0.11
C GLY A 57 1.16 9.09 -0.57
N ASP A 58 1.43 7.84 -0.26
CA ASP A 58 2.57 7.12 -0.84
C ASP A 58 2.08 5.90 -1.59
N LEU A 59 2.72 5.61 -2.71
CA LEU A 59 2.35 4.46 -3.53
C LEU A 59 3.13 3.23 -3.08
N ILE A 60 2.42 2.15 -2.82
CA ILE A 60 3.04 0.92 -2.39
C ILE A 60 3.49 0.10 -3.58
N THR A 61 4.75 -0.28 -3.58
CA THR A 61 5.32 -1.05 -4.67
C THR A 61 5.44 -2.52 -4.28
N HIS A 62 5.88 -2.76 -3.04
CA HIS A 62 6.06 -4.12 -2.55
C HIS A 62 5.58 -4.25 -1.11
N VAL A 63 5.33 -5.49 -0.70
CA VAL A 63 4.90 -5.77 0.65
C VAL A 63 5.53 -7.07 1.14
N ASN A 64 6.37 -6.96 2.16
CA ASN A 64 7.06 -8.10 2.75
C ASN A 64 7.86 -8.87 1.69
N GLY A 65 8.36 -8.15 0.70
CA GLY A 65 9.13 -8.78 -0.35
C GLY A 65 8.25 -9.47 -1.36
N GLU A 66 7.15 -8.82 -1.70
CA GLU A 66 6.20 -9.35 -2.63
C GLU A 66 5.48 -8.19 -3.32
N PRO A 67 5.78 -7.97 -4.60
CA PRO A 67 5.16 -6.93 -5.41
C PRO A 67 3.65 -6.97 -5.27
N VAL A 68 3.10 -5.81 -5.09
CA VAL A 68 1.66 -5.66 -4.90
C VAL A 68 1.00 -5.52 -6.25
N HIS A 69 1.85 -5.42 -7.23
CA HIS A 69 1.52 -5.29 -8.61
C HIS A 69 0.60 -6.42 -9.08
N GLY A 70 -0.70 -6.19 -9.08
CA GLY A 70 -1.63 -7.20 -9.50
C GLY A 70 -2.48 -7.74 -8.37
N LEU A 71 -2.09 -7.40 -7.14
CA LEU A 71 -2.82 -7.85 -5.96
C LEU A 71 -4.11 -7.05 -5.83
N VAL A 72 -5.20 -7.73 -5.48
CA VAL A 72 -6.48 -7.07 -5.31
C VAL A 72 -6.53 -6.34 -3.96
N HIS A 73 -7.56 -5.52 -3.78
CA HIS A 73 -7.77 -4.73 -2.55
C HIS A 73 -7.48 -5.53 -1.28
N THR A 74 -8.05 -6.72 -1.22
CA THR A 74 -7.93 -7.57 -0.05
C THR A 74 -6.64 -8.41 -0.05
N GLU A 75 -5.98 -8.52 -1.19
CA GLU A 75 -4.78 -9.31 -1.29
C GLU A 75 -3.62 -8.66 -0.53
N VAL A 76 -3.47 -7.35 -0.67
CA VAL A 76 -2.41 -6.63 0.02
C VAL A 76 -2.64 -6.72 1.52
N VAL A 77 -3.89 -6.48 1.90
CA VAL A 77 -4.31 -6.57 3.30
C VAL A 77 -3.95 -7.93 3.87
N GLU A 78 -4.29 -8.98 3.11
CA GLU A 78 -3.98 -10.35 3.52
C GLU A 78 -2.48 -10.53 3.69
N LEU A 79 -1.72 -10.11 2.68
CA LEU A 79 -0.26 -10.21 2.71
C LEU A 79 0.30 -9.61 3.98
N ILE A 80 -0.27 -8.47 4.38
CA ILE A 80 0.16 -7.78 5.58
C ILE A 80 -0.21 -8.58 6.83
N LEU A 81 -1.48 -8.95 6.95
CA LEU A 81 -1.96 -9.73 8.09
C LEU A 81 -1.22 -11.05 8.21
N LYS A 82 -0.93 -11.64 7.05
CA LYS A 82 -0.23 -12.92 6.97
C LYS A 82 1.16 -12.85 7.56
N SER A 83 1.82 -11.72 7.33
CA SER A 83 3.17 -11.50 7.84
C SER A 83 3.23 -11.74 9.36
N GLY A 84 2.29 -11.19 10.11
CA GLY A 84 2.29 -11.40 11.54
C GLY A 84 2.01 -10.13 12.32
N ASN A 85 2.77 -9.89 13.37
CA ASN A 85 2.59 -8.72 14.22
C ASN A 85 3.21 -7.48 13.59
N LYS A 86 3.76 -7.65 12.41
CA LYS A 86 4.39 -6.58 11.69
C LYS A 86 4.47 -6.91 10.22
N VAL A 87 4.96 -5.95 9.44
CA VAL A 87 5.07 -6.14 7.99
C VAL A 87 5.92 -5.06 7.32
N ALA A 88 6.62 -5.44 6.26
CA ALA A 88 7.48 -4.52 5.51
C ALA A 88 6.75 -3.93 4.30
N ILE A 89 6.17 -2.76 4.48
CA ILE A 89 5.46 -2.10 3.38
C ILE A 89 6.43 -1.22 2.58
N SER A 90 6.67 -1.60 1.33
CA SER A 90 7.58 -0.85 0.48
C SER A 90 6.85 0.24 -0.30
N THR A 91 7.13 1.48 0.06
CA THR A 91 6.52 2.63 -0.58
C THR A 91 7.52 3.29 -1.53
N THR A 92 7.07 4.23 -2.36
CA THR A 92 7.95 4.88 -3.30
C THR A 92 8.27 6.33 -2.89
N PRO A 93 9.48 6.58 -2.35
CA PRO A 93 9.90 7.93 -1.97
C PRO A 93 9.75 8.96 -3.09
N LEU A 94 9.97 10.21 -2.75
CA LEU A 94 9.85 11.32 -3.70
C LEU A 94 10.91 11.20 -4.80
N GLU A 95 10.70 11.93 -5.88
CA GLU A 95 11.62 11.91 -7.01
C GLU A 95 11.49 13.18 -7.83
N ASN A 96 12.30 13.30 -8.87
CA ASN A 96 12.28 14.48 -9.74
C ASN A 96 11.08 14.44 -10.67
N SER B 1 -3.87 10.85 -11.66
CA SER B 1 -3.01 9.73 -11.21
C SER B 1 -3.53 8.41 -11.77
N TRP B 2 -4.77 8.08 -11.43
CA TRP B 2 -5.38 6.84 -11.92
C TRP B 2 -6.77 7.13 -12.45
N GLU B 3 -7.31 6.20 -13.21
CA GLU B 3 -8.63 6.32 -13.79
C GLU B 3 -9.70 6.40 -12.70
N SER B 4 -9.96 5.26 -12.07
CA SER B 4 -10.96 5.20 -11.02
C SER B 4 -10.75 3.99 -10.11
N HIS B 5 -11.47 3.97 -9.01
CA HIS B 5 -11.40 2.89 -8.05
C HIS B 5 -12.69 2.08 -8.09
N LYS B 6 -12.62 0.89 -8.67
CA LYS B 6 -13.78 0.03 -8.78
C LYS B 6 -13.43 -1.39 -8.31
N SER B 7 -12.37 -1.50 -7.53
CA SER B 7 -11.92 -2.78 -7.03
C SER B 7 -11.86 -2.78 -5.51
N GLY B 8 -12.76 -3.54 -4.89
CA GLY B 8 -12.80 -3.60 -3.45
C GLY B 8 -13.51 -2.41 -2.85
N GLY B 9 -13.87 -2.52 -1.59
CA GLY B 9 -14.56 -1.43 -0.91
C GLY B 9 -13.59 -0.37 -0.45
N GLU B 10 -13.40 -0.27 0.86
CA GLU B 10 -12.49 0.70 1.45
C GLU B 10 -11.78 0.07 2.64
N THR B 11 -11.34 -1.15 2.44
CA THR B 11 -10.65 -1.91 3.48
C THR B 11 -9.35 -1.21 3.88
N ARG B 12 -8.96 -1.36 5.14
CA ARG B 12 -7.75 -0.74 5.63
C ARG B 12 -7.06 -1.65 6.64
N LEU B 13 -5.83 -1.31 6.97
CA LEU B 13 -5.04 -2.08 7.91
C LEU B 13 -5.04 -1.38 9.26
N GLY A 1 11.97 8.75 -12.00
CA GLY A 1 11.51 7.70 -11.05
C GLY A 1 12.53 7.45 -9.96
N GLY A 2 12.46 6.27 -9.35
CA GLY A 2 13.39 5.94 -8.30
C GLY A 2 13.67 4.45 -8.24
N SER A 3 14.67 4.07 -7.46
CA SER A 3 15.05 2.68 -7.31
C SER A 3 15.29 2.34 -5.84
N MET A 4 15.18 1.05 -5.51
CA MET A 4 15.39 0.58 -4.14
C MET A 4 14.37 1.20 -3.19
N ARG A 5 13.15 0.70 -3.26
CA ARG A 5 12.08 1.20 -2.40
C ARG A 5 12.30 0.71 -0.97
N PRO A 6 12.15 1.58 0.04
CA PRO A 6 12.36 1.25 1.45
C PRO A 6 11.09 0.79 2.16
N PRO A 7 11.05 -0.48 2.62
CA PRO A 7 9.90 -1.00 3.34
C PRO A 7 9.80 -0.49 4.77
N ILE A 8 8.66 0.10 5.06
CA ILE A 8 8.37 0.61 6.39
C ILE A 8 7.78 -0.50 7.23
N ILE A 9 8.54 -0.96 8.20
CA ILE A 9 8.09 -2.04 9.04
C ILE A 9 7.10 -1.56 10.10
N ILE A 10 5.81 -1.73 9.83
CA ILE A 10 4.78 -1.35 10.79
C ILE A 10 4.74 -2.42 11.86
N HIS A 11 4.16 -2.12 13.00
CA HIS A 11 4.04 -3.08 14.07
C HIS A 11 2.65 -2.95 14.66
N ARG A 12 1.88 -4.01 14.50
CA ARG A 12 0.52 -4.04 15.00
C ARG A 12 0.50 -3.89 16.52
N ALA A 13 0.07 -2.73 16.97
CA ALA A 13 0.00 -2.43 18.41
C ALA A 13 -1.25 -3.03 19.04
N GLY A 14 -1.48 -4.31 18.80
CA GLY A 14 -2.64 -4.98 19.36
C GLY A 14 -3.94 -4.48 18.75
N LYS A 15 -3.86 -3.94 17.55
CA LYS A 15 -5.05 -3.43 16.88
C LYS A 15 -4.91 -3.52 15.36
N LYS A 16 -4.22 -2.56 14.76
CA LYS A 16 -4.04 -2.53 13.31
C LYS A 16 -2.82 -1.71 12.92
N TYR A 17 -2.54 -1.63 11.62
CA TYR A 17 -1.41 -0.87 11.10
C TYR A 17 -1.84 0.57 10.82
N GLY A 18 -3.10 0.84 11.19
CA GLY A 18 -3.72 2.15 11.08
C GLY A 18 -3.90 2.71 9.68
N PHE A 19 -3.06 2.31 8.77
CA PHE A 19 -3.11 2.85 7.43
C PHE A 19 -4.14 2.19 6.55
N THR A 20 -4.66 2.99 5.66
CA THR A 20 -5.67 2.57 4.71
C THR A 20 -5.05 2.21 3.35
N LEU A 21 -5.09 0.93 2.97
CA LEU A 21 -4.54 0.51 1.68
C LEU A 21 -5.58 0.70 0.58
N ARG A 22 -5.63 1.89 0.01
CA ARG A 22 -6.58 2.19 -1.05
C ARG A 22 -6.21 1.43 -2.32
N ALA A 23 -7.22 1.03 -3.11
CA ALA A 23 -6.97 0.29 -4.34
C ALA A 23 -7.21 1.18 -5.56
N ILE A 24 -6.46 0.92 -6.63
CA ILE A 24 -6.60 1.67 -7.87
C ILE A 24 -6.36 0.76 -9.07
N ARG A 25 -6.59 1.30 -10.26
CA ARG A 25 -6.39 0.55 -11.51
C ARG A 25 -5.91 1.48 -12.61
N VAL A 26 -4.60 1.69 -12.68
CA VAL A 26 -4.02 2.58 -13.66
C VAL A 26 -4.00 1.96 -15.06
N TYR A 27 -4.94 2.41 -15.89
CA TYR A 27 -5.04 1.92 -17.26
C TYR A 27 -4.06 2.67 -18.16
N MET A 28 -3.35 1.93 -19.00
CA MET A 28 -2.41 2.55 -19.91
C MET A 28 -3.11 2.90 -21.21
N GLY A 29 -3.78 4.04 -21.22
CA GLY A 29 -4.51 4.46 -22.40
C GLY A 29 -5.85 3.77 -22.47
N ASP A 30 -6.45 3.76 -23.65
CA ASP A 30 -7.74 3.12 -23.84
C ASP A 30 -7.54 1.69 -24.30
N SER A 31 -7.35 0.79 -23.34
CA SER A 31 -7.14 -0.62 -23.63
C SER A 31 -7.31 -1.47 -22.37
N ASP A 32 -7.14 -2.77 -22.51
CA ASP A 32 -7.26 -3.69 -21.38
C ASP A 32 -6.00 -3.71 -20.51
N VAL A 33 -4.96 -3.04 -20.97
CA VAL A 33 -3.71 -2.98 -20.24
C VAL A 33 -3.79 -1.99 -19.09
N TYR A 34 -3.62 -2.51 -17.89
CA TYR A 34 -3.67 -1.70 -16.69
C TYR A 34 -2.96 -2.42 -15.56
N THR A 35 -2.36 -1.65 -14.66
CA THR A 35 -1.66 -2.23 -13.53
C THR A 35 -2.45 -2.00 -12.24
N VAL A 36 -2.65 -3.06 -11.50
CA VAL A 36 -3.38 -2.95 -10.25
C VAL A 36 -2.43 -2.56 -9.13
N HIS A 37 -2.38 -1.27 -8.85
CA HIS A 37 -1.52 -0.74 -7.80
C HIS A 37 -2.37 -0.37 -6.59
N HIS A 38 -1.73 0.22 -5.59
CA HIS A 38 -2.40 0.63 -4.37
C HIS A 38 -1.69 1.84 -3.77
N MET A 39 -2.35 2.51 -2.85
CA MET A 39 -1.79 3.71 -2.24
C MET A 39 -2.34 3.90 -0.83
N VAL A 40 -1.48 4.30 0.09
CA VAL A 40 -1.91 4.54 1.45
C VAL A 40 -2.72 5.84 1.51
N TRP A 41 -4.03 5.66 1.64
CA TRP A 41 -4.97 6.76 1.68
C TRP A 41 -4.86 7.58 2.94
N HIS A 42 -4.75 6.88 4.06
CA HIS A 42 -4.68 7.51 5.36
C HIS A 42 -3.95 6.61 6.33
N VAL A 43 -3.03 7.17 7.08
CA VAL A 43 -2.30 6.40 8.05
C VAL A 43 -2.36 7.05 9.43
N GLU A 44 -2.73 6.24 10.40
CA GLU A 44 -2.87 6.67 11.77
C GLU A 44 -1.52 7.07 12.37
N ASP A 45 -1.42 8.33 12.78
CA ASP A 45 -0.21 8.88 13.37
C ASP A 45 -0.18 8.66 14.87
N GLY A 46 -0.97 7.71 15.33
CA GLY A 46 -1.03 7.45 16.75
C GLY A 46 -0.17 6.27 17.19
N GLY A 47 0.58 5.67 16.27
CA GLY A 47 1.41 4.55 16.68
C GLY A 47 1.89 3.66 15.54
N PRO A 48 0.98 3.11 14.72
CA PRO A 48 1.34 2.20 13.61
C PRO A 48 2.27 2.77 12.52
N ALA A 49 1.90 2.49 11.26
CA ALA A 49 2.65 2.86 10.07
C ALA A 49 3.21 4.28 10.07
N SER A 50 2.49 5.25 10.60
CA SER A 50 2.97 6.62 10.60
C SER A 50 4.27 6.76 11.39
N GLU A 51 4.24 6.34 12.65
CA GLU A 51 5.40 6.41 13.52
C GLU A 51 6.54 5.57 13.00
N ALA A 52 6.18 4.55 12.21
CA ALA A 52 7.14 3.66 11.62
C ALA A 52 7.91 4.34 10.49
N GLY A 53 7.30 5.36 9.89
CA GLY A 53 7.95 6.07 8.81
C GLY A 53 7.06 6.21 7.59
N LEU A 54 5.91 5.57 7.60
CA LEU A 54 4.97 5.64 6.49
C LEU A 54 4.33 7.01 6.41
N ARG A 55 4.64 7.73 5.34
CA ARG A 55 4.07 9.04 5.13
C ARG A 55 2.76 8.92 4.34
N GLN A 56 1.67 9.42 4.91
CA GLN A 56 0.38 9.40 4.25
C GLN A 56 0.50 9.94 2.83
N GLY A 57 -0.07 9.21 1.88
CA GLY A 57 0.01 9.60 0.49
C GLY A 57 1.27 9.07 -0.16
N ASP A 58 1.36 7.76 -0.28
CA ASP A 58 2.52 7.10 -0.87
C ASP A 58 2.07 5.87 -1.65
N LEU A 59 2.79 5.56 -2.71
CA LEU A 59 2.47 4.41 -3.53
C LEU A 59 3.23 3.19 -3.07
N ILE A 60 2.50 2.10 -2.82
CA ILE A 60 3.11 0.87 -2.37
C ILE A 60 3.57 0.05 -3.56
N THR A 61 4.83 -0.31 -3.56
CA THR A 61 5.39 -1.10 -4.63
C THR A 61 5.53 -2.56 -4.21
N HIS A 62 5.92 -2.76 -2.96
CA HIS A 62 6.12 -4.11 -2.43
C HIS A 62 5.60 -4.21 -1.00
N VAL A 63 5.25 -5.42 -0.60
CA VAL A 63 4.79 -5.67 0.74
C VAL A 63 5.41 -6.96 1.28
N ASN A 64 6.26 -6.82 2.29
CA ASN A 64 6.94 -7.96 2.91
C ASN A 64 7.72 -8.74 1.86
N GLY A 65 8.23 -8.04 0.86
CA GLY A 65 8.98 -8.68 -0.19
C GLY A 65 8.08 -9.41 -1.17
N GLU A 66 6.99 -8.75 -1.54
CA GLU A 66 6.03 -9.31 -2.47
C GLU A 66 5.34 -8.19 -3.25
N PRO A 67 5.70 -8.04 -4.54
CA PRO A 67 5.12 -7.06 -5.42
C PRO A 67 3.61 -7.04 -5.31
N VAL A 68 3.10 -5.85 -5.13
CA VAL A 68 1.67 -5.63 -4.97
C VAL A 68 1.04 -5.49 -6.34
N HIS A 69 1.92 -5.38 -7.29
CA HIS A 69 1.61 -5.23 -8.67
C HIS A 69 0.69 -6.34 -9.18
N GLY A 70 -0.60 -6.04 -9.24
CA GLY A 70 -1.56 -7.01 -9.71
C GLY A 70 -2.45 -7.55 -8.60
N LEU A 71 -2.08 -7.25 -7.35
CA LEU A 71 -2.86 -7.70 -6.21
C LEU A 71 -4.13 -6.87 -6.07
N VAL A 72 -5.22 -7.52 -5.73
CA VAL A 72 -6.48 -6.82 -5.55
C VAL A 72 -6.49 -6.16 -4.17
N HIS A 73 -7.48 -5.32 -3.92
CA HIS A 73 -7.62 -4.60 -2.64
C HIS A 73 -7.37 -5.51 -1.44
N THR A 74 -8.10 -6.59 -1.39
CA THR A 74 -8.04 -7.52 -0.30
C THR A 74 -6.76 -8.36 -0.31
N GLU A 75 -6.11 -8.45 -1.45
CA GLU A 75 -4.90 -9.23 -1.57
C GLU A 75 -3.75 -8.58 -0.82
N VAL A 76 -3.62 -7.26 -0.92
CA VAL A 76 -2.56 -6.55 -0.20
C VAL A 76 -2.80 -6.64 1.30
N VAL A 77 -4.04 -6.37 1.69
CA VAL A 77 -4.45 -6.44 3.09
C VAL A 77 -4.10 -7.80 3.68
N GLU A 78 -4.42 -8.86 2.92
CA GLU A 78 -4.13 -10.22 3.35
C GLU A 78 -2.63 -10.46 3.39
N LEU A 79 -1.94 -9.96 2.37
CA LEU A 79 -0.48 -10.08 2.30
C LEU A 79 0.15 -9.52 3.57
N ILE A 80 -0.43 -8.43 4.06
CA ILE A 80 0.05 -7.79 5.26
C ILE A 80 -0.30 -8.63 6.49
N LEU A 81 -1.56 -9.01 6.61
CA LEU A 81 -2.02 -9.84 7.73
C LEU A 81 -1.24 -11.16 7.78
N LYS A 82 -0.87 -11.64 6.59
CA LYS A 82 -0.11 -12.88 6.44
C LYS A 82 1.21 -12.80 7.19
N SER A 83 1.84 -11.65 7.12
CA SER A 83 3.11 -11.43 7.79
C SER A 83 2.99 -11.71 9.28
N GLY A 84 2.05 -11.05 9.95
CA GLY A 84 1.85 -11.27 11.36
C GLY A 84 1.69 -10.01 12.17
N ASN A 85 2.49 -9.89 13.23
CA ASN A 85 2.44 -8.74 14.13
C ASN A 85 3.07 -7.49 13.52
N LYS A 86 3.61 -7.64 12.33
CA LYS A 86 4.24 -6.55 11.63
C LYS A 86 4.33 -6.83 10.17
N VAL A 87 4.81 -5.86 9.42
CA VAL A 87 4.92 -6.01 7.96
C VAL A 87 5.78 -4.91 7.33
N ALA A 88 6.52 -5.30 6.29
CA ALA A 88 7.39 -4.39 5.55
C ALA A 88 6.69 -3.79 4.34
N ILE A 89 6.07 -2.64 4.51
CA ILE A 89 5.38 -1.97 3.41
C ILE A 89 6.34 -1.08 2.64
N SER A 90 6.64 -1.44 1.41
CA SER A 90 7.57 -0.68 0.58
C SER A 90 6.84 0.36 -0.25
N THR A 91 7.12 1.63 0.02
CA THR A 91 6.50 2.73 -0.70
C THR A 91 7.54 3.42 -1.59
N THR A 92 7.10 4.38 -2.40
CA THR A 92 8.00 5.05 -3.30
C THR A 92 8.40 6.46 -2.83
N PRO A 93 9.65 6.62 -2.33
CA PRO A 93 10.15 7.92 -1.90
C PRO A 93 10.01 9.00 -2.97
N LEU A 94 10.30 10.23 -2.57
CA LEU A 94 10.24 11.37 -3.47
C LEU A 94 11.29 11.26 -4.56
N GLU A 95 11.07 11.97 -5.67
CA GLU A 95 11.99 11.97 -6.78
C GLU A 95 11.85 13.25 -7.59
N ASN A 96 12.87 13.56 -8.37
CA ASN A 96 12.88 14.76 -9.19
C ASN A 96 12.01 14.56 -10.44
N SER B 1 -8.85 3.96 -14.04
CA SER B 1 -7.66 4.81 -14.20
C SER B 1 -7.15 5.30 -12.85
N TRP B 2 -7.49 6.53 -12.47
CA TRP B 2 -7.06 7.09 -11.21
C TRP B 2 -8.22 7.82 -10.55
N GLU B 3 -9.41 7.30 -10.75
CA GLU B 3 -10.61 7.89 -10.19
C GLU B 3 -10.69 7.61 -8.70
N SER B 4 -10.98 6.36 -8.36
CA SER B 4 -11.09 5.95 -6.97
C SER B 4 -10.82 4.44 -6.83
N HIS B 5 -11.27 3.86 -5.73
CA HIS B 5 -11.09 2.44 -5.47
C HIS B 5 -11.99 1.59 -6.37
N LYS B 6 -11.55 1.37 -7.60
CA LYS B 6 -12.31 0.57 -8.55
C LYS B 6 -11.85 -0.87 -8.54
N SER B 7 -11.07 -1.23 -7.53
CA SER B 7 -10.57 -2.59 -7.39
C SER B 7 -10.82 -3.11 -5.98
N GLY B 8 -11.79 -2.51 -5.31
CA GLY B 8 -12.12 -2.92 -3.96
C GLY B 8 -13.03 -1.93 -3.26
N GLY B 9 -12.58 -1.45 -2.10
CA GLY B 9 -13.37 -0.49 -1.35
C GLY B 9 -12.53 0.31 -0.38
N GLU B 10 -12.94 0.35 0.87
CA GLU B 10 -12.21 1.10 1.89
C GLU B 10 -11.68 0.19 2.98
N THR B 11 -11.33 -1.04 2.61
CA THR B 11 -10.80 -1.99 3.57
C THR B 11 -9.38 -1.60 3.98
N ARG B 12 -9.28 -0.85 5.07
CA ARG B 12 -8.00 -0.39 5.56
C ARG B 12 -7.33 -1.49 6.39
N LEU B 13 -6.10 -1.24 6.80
CA LEU B 13 -5.35 -2.21 7.58
C LEU B 13 -5.48 -1.93 9.06
N GLY A 1 11.27 8.19 -11.72
CA GLY A 1 11.21 7.68 -10.33
C GLY A 1 12.55 7.16 -9.85
N GLY A 2 12.55 6.47 -8.74
CA GLY A 2 13.78 5.93 -8.21
C GLY A 2 13.83 4.42 -8.28
N SER A 3 14.82 3.83 -7.62
CA SER A 3 14.97 2.39 -7.59
C SER A 3 15.25 1.94 -6.17
N MET A 4 14.87 0.69 -5.87
CA MET A 4 15.06 0.11 -4.54
C MET A 4 14.28 0.89 -3.48
N ARG A 5 12.98 0.65 -3.43
CA ARG A 5 12.12 1.32 -2.48
C ARG A 5 12.39 0.79 -1.06
N PRO A 6 12.21 1.64 -0.04
CA PRO A 6 12.44 1.29 1.36
C PRO A 6 11.16 0.85 2.09
N PRO A 7 11.07 -0.43 2.49
CA PRO A 7 9.91 -0.94 3.21
C PRO A 7 9.84 -0.47 4.65
N ILE A 8 8.74 0.17 4.98
CA ILE A 8 8.51 0.64 6.31
C ILE A 8 7.96 -0.49 7.14
N ILE A 9 8.75 -0.99 8.06
CA ILE A 9 8.33 -2.09 8.89
C ILE A 9 7.40 -1.63 10.00
N ILE A 10 6.09 -1.78 9.77
CA ILE A 10 5.11 -1.41 10.77
C ILE A 10 5.10 -2.51 11.83
N HIS A 11 4.62 -2.20 13.01
CA HIS A 11 4.54 -3.17 14.07
C HIS A 11 3.18 -3.01 14.74
N ARG A 12 2.35 -4.01 14.57
CA ARG A 12 1.01 -3.97 15.14
C ARG A 12 1.05 -3.94 16.66
N ALA A 13 0.68 -2.79 17.20
CA ALA A 13 0.64 -2.59 18.65
C ALA A 13 -0.68 -3.12 19.20
N GLY A 14 -0.99 -4.37 18.86
CA GLY A 14 -2.22 -4.98 19.32
C GLY A 14 -3.40 -4.60 18.44
N LYS A 15 -3.56 -3.30 18.20
CA LYS A 15 -4.65 -2.78 17.39
C LYS A 15 -4.47 -3.10 15.91
N LYS A 16 -3.80 -2.21 15.18
CA LYS A 16 -3.59 -2.41 13.75
C LYS A 16 -2.41 -1.57 13.26
N TYR A 17 -2.23 -1.53 11.94
CA TYR A 17 -1.14 -0.77 11.33
C TYR A 17 -1.61 0.66 11.07
N GLY A 18 -2.87 0.90 11.41
CA GLY A 18 -3.52 2.20 11.32
C GLY A 18 -3.67 2.79 9.92
N PHE A 19 -2.90 2.32 8.99
CA PHE A 19 -2.95 2.88 7.64
C PHE A 19 -4.03 2.27 6.76
N THR A 20 -4.55 3.11 5.90
CA THR A 20 -5.60 2.74 4.97
C THR A 20 -5.05 2.33 3.60
N LEU A 21 -5.20 1.05 3.22
CA LEU A 21 -4.74 0.59 1.91
C LEU A 21 -5.83 0.75 0.86
N ARG A 22 -5.95 1.96 0.33
CA ARG A 22 -6.95 2.24 -0.70
C ARG A 22 -6.57 1.56 -2.01
N ALA A 23 -7.54 0.91 -2.65
CA ALA A 23 -7.28 0.22 -3.92
C ALA A 23 -7.82 1.02 -5.10
N ILE A 24 -7.07 1.02 -6.19
CA ILE A 24 -7.45 1.73 -7.40
C ILE A 24 -7.00 0.99 -8.64
N ARG A 25 -7.15 1.63 -9.80
CA ARG A 25 -6.74 1.03 -11.05
C ARG A 25 -6.33 2.11 -12.04
N VAL A 26 -5.07 2.05 -12.46
CA VAL A 26 -4.53 3.00 -13.42
C VAL A 26 -4.84 2.56 -14.83
N TYR A 27 -4.20 3.17 -15.81
CA TYR A 27 -4.38 2.84 -17.22
C TYR A 27 -3.14 3.27 -17.98
N MET A 28 -2.66 2.41 -18.88
CA MET A 28 -1.45 2.72 -19.63
C MET A 28 -1.68 2.71 -21.14
N GLY A 29 -1.58 3.89 -21.75
CA GLY A 29 -1.75 4.00 -23.19
C GLY A 29 -3.20 3.95 -23.64
N ASP A 30 -3.39 3.58 -24.91
CA ASP A 30 -4.72 3.48 -25.49
C ASP A 30 -5.27 2.07 -25.32
N SER A 31 -4.37 1.12 -25.07
CA SER A 31 -4.76 -0.26 -24.87
C SER A 31 -5.46 -0.42 -23.53
N ASP A 32 -6.22 -1.50 -23.37
CA ASP A 32 -6.95 -1.75 -22.13
C ASP A 32 -6.07 -2.31 -21.03
N VAL A 33 -4.75 -2.10 -21.15
CA VAL A 33 -3.82 -2.59 -20.15
C VAL A 33 -3.78 -1.63 -18.96
N TYR A 34 -3.90 -2.19 -17.78
CA TYR A 34 -3.88 -1.41 -16.56
C TYR A 34 -3.25 -2.20 -15.42
N THR A 35 -2.73 -1.50 -14.44
CA THR A 35 -2.11 -2.16 -13.30
C THR A 35 -2.89 -1.87 -12.02
N VAL A 36 -3.22 -2.90 -11.28
CA VAL A 36 -3.93 -2.73 -10.02
C VAL A 36 -2.94 -2.35 -8.93
N HIS A 37 -2.94 -1.07 -8.59
CA HIS A 37 -2.04 -0.56 -7.55
C HIS A 37 -2.84 -0.20 -6.31
N HIS A 38 -2.14 0.35 -5.33
CA HIS A 38 -2.74 0.75 -4.06
C HIS A 38 -2.00 1.96 -3.52
N MET A 39 -2.56 2.59 -2.50
CA MET A 39 -1.94 3.77 -1.93
C MET A 39 -2.42 3.96 -0.50
N VAL A 40 -1.49 4.32 0.39
CA VAL A 40 -1.84 4.57 1.77
C VAL A 40 -2.59 5.89 1.86
N TRP A 41 -3.90 5.76 1.95
CA TRP A 41 -4.80 6.89 2.00
C TRP A 41 -4.69 7.68 3.28
N HIS A 42 -4.57 6.96 4.38
CA HIS A 42 -4.50 7.58 5.69
C HIS A 42 -3.81 6.67 6.65
N VAL A 43 -2.79 7.18 7.32
CA VAL A 43 -2.07 6.40 8.29
C VAL A 43 -2.18 7.05 9.66
N GLU A 44 -2.56 6.24 10.62
CA GLU A 44 -2.75 6.69 11.99
C GLU A 44 -1.44 7.16 12.61
N ASP A 45 -1.38 8.45 12.89
CA ASP A 45 -0.19 9.07 13.50
C ASP A 45 -0.19 8.88 15.01
N GLY A 46 -0.59 7.71 15.46
CA GLY A 46 -0.65 7.44 16.88
C GLY A 46 0.18 6.24 17.31
N GLY A 47 1.02 5.72 16.43
CA GLY A 47 1.82 4.59 16.83
C GLY A 47 2.33 3.72 15.69
N PRO A 48 1.43 3.09 14.90
CA PRO A 48 1.82 2.18 13.79
C PRO A 48 2.66 2.79 12.66
N ALA A 49 2.24 2.48 11.42
CA ALA A 49 2.91 2.87 10.19
C ALA A 49 3.43 4.31 10.17
N SER A 50 2.71 5.25 10.79
CA SER A 50 3.15 6.64 10.79
C SER A 50 4.50 6.82 11.47
N GLU A 51 4.58 6.44 12.73
CA GLU A 51 5.81 6.55 13.49
C GLU A 51 6.90 5.68 12.89
N ALA A 52 6.48 4.59 12.29
CA ALA A 52 7.38 3.65 11.65
C ALA A 52 8.14 4.32 10.51
N GLY A 53 7.50 5.32 9.89
CA GLY A 53 8.13 6.02 8.79
C GLY A 53 7.23 6.16 7.57
N LEU A 54 6.11 5.45 7.58
CA LEU A 54 5.16 5.50 6.47
C LEU A 54 4.53 6.88 6.37
N ARG A 55 4.82 7.57 5.28
CA ARG A 55 4.25 8.89 5.05
C ARG A 55 2.93 8.78 4.30
N GLN A 56 1.87 9.31 4.89
CA GLN A 56 0.55 9.32 4.26
C GLN A 56 0.63 9.87 2.85
N GLY A 57 -0.09 9.24 1.92
CA GLY A 57 -0.09 9.69 0.54
C GLY A 57 1.12 9.16 -0.22
N ASP A 58 1.37 7.86 -0.08
CA ASP A 58 2.48 7.21 -0.76
C ASP A 58 1.98 6.00 -1.54
N LEU A 59 2.65 5.70 -2.63
CA LEU A 59 2.28 4.57 -3.47
C LEU A 59 3.06 3.33 -3.06
N ILE A 60 2.34 2.26 -2.78
CA ILE A 60 2.97 1.02 -2.37
C ILE A 60 3.41 0.22 -3.58
N THR A 61 4.69 -0.12 -3.60
CA THR A 61 5.25 -0.89 -4.69
C THR A 61 5.35 -2.36 -4.31
N HIS A 62 5.75 -2.61 -3.07
CA HIS A 62 5.93 -3.96 -2.57
C HIS A 62 5.47 -4.08 -1.13
N VAL A 63 5.15 -5.29 -0.72
CA VAL A 63 4.74 -5.57 0.65
C VAL A 63 5.37 -6.87 1.11
N ASN A 64 6.26 -6.78 2.11
CA ASN A 64 6.94 -7.94 2.66
C ASN A 64 7.76 -8.63 1.57
N GLY A 65 8.24 -7.85 0.62
CA GLY A 65 9.00 -8.40 -0.48
C GLY A 65 8.12 -9.15 -1.44
N GLU A 66 6.99 -8.53 -1.79
CA GLU A 66 6.03 -9.11 -2.68
C GLU A 66 5.29 -7.98 -3.39
N PRO A 67 5.53 -7.86 -4.71
CA PRO A 67 4.88 -6.85 -5.53
C PRO A 67 3.37 -6.88 -5.36
N VAL A 68 2.83 -5.70 -5.19
CA VAL A 68 1.40 -5.53 -4.97
C VAL A 68 0.71 -5.36 -6.30
N HIS A 69 1.53 -5.25 -7.31
CA HIS A 69 1.14 -5.08 -8.67
C HIS A 69 0.18 -6.18 -9.14
N GLY A 70 -1.11 -5.92 -9.06
CA GLY A 70 -2.09 -6.91 -9.49
C GLY A 70 -2.91 -7.44 -8.34
N LEU A 71 -2.52 -7.09 -7.12
CA LEU A 71 -3.23 -7.53 -5.92
C LEU A 71 -4.49 -6.70 -5.75
N VAL A 72 -5.58 -7.35 -5.35
CA VAL A 72 -6.83 -6.66 -5.13
C VAL A 72 -6.83 -5.99 -3.75
N HIS A 73 -7.85 -5.17 -3.48
CA HIS A 73 -8.00 -4.46 -2.20
C HIS A 73 -7.67 -5.32 -0.99
N THR A 74 -8.24 -6.50 -0.96
CA THR A 74 -8.08 -7.39 0.16
C THR A 74 -6.78 -8.19 0.11
N GLU A 75 -6.18 -8.33 -1.07
CA GLU A 75 -4.96 -9.11 -1.21
C GLU A 75 -3.79 -8.44 -0.49
N VAL A 76 -3.69 -7.11 -0.60
CA VAL A 76 -2.63 -6.40 0.09
C VAL A 76 -2.80 -6.52 1.59
N VAL A 77 -4.04 -6.29 2.03
CA VAL A 77 -4.40 -6.40 3.43
C VAL A 77 -4.03 -7.78 3.97
N GLU A 78 -4.37 -8.81 3.20
CA GLU A 78 -4.06 -10.18 3.57
C GLU A 78 -2.57 -10.40 3.67
N LEU A 79 -1.83 -9.90 2.67
CA LEU A 79 -0.37 -10.03 2.67
C LEU A 79 0.20 -9.48 3.98
N ILE A 80 -0.36 -8.36 4.43
CA ILE A 80 0.08 -7.73 5.65
C ILE A 80 -0.30 -8.57 6.86
N LEU A 81 -1.56 -8.98 6.94
CA LEU A 81 -2.04 -9.81 8.04
C LEU A 81 -1.25 -11.12 8.09
N LYS A 82 -0.98 -11.66 6.92
CA LYS A 82 -0.23 -12.91 6.76
C LYS A 82 1.18 -12.80 7.33
N SER A 83 1.77 -11.63 7.16
CA SER A 83 3.12 -11.37 7.64
C SER A 83 3.23 -11.70 9.13
N GLY A 84 2.29 -11.23 9.94
CA GLY A 84 2.33 -11.52 11.36
C GLY A 84 1.98 -10.32 12.22
N ASN A 85 2.88 -9.98 13.13
CA ASN A 85 2.68 -8.86 14.04
C ASN A 85 3.31 -7.59 13.47
N LYS A 86 3.77 -7.69 12.25
CA LYS A 86 4.40 -6.59 11.57
C LYS A 86 4.40 -6.84 10.08
N VAL A 87 4.94 -5.90 9.33
CA VAL A 87 5.00 -6.04 7.87
C VAL A 87 5.86 -4.95 7.22
N ALA A 88 6.58 -5.35 6.17
CA ALA A 88 7.46 -4.44 5.42
C ALA A 88 6.74 -3.83 4.21
N ILE A 89 6.12 -2.69 4.42
CA ILE A 89 5.41 -2.01 3.34
C ILE A 89 6.36 -1.08 2.57
N SER A 90 6.60 -1.39 1.31
CA SER A 90 7.50 -0.59 0.49
C SER A 90 6.75 0.47 -0.30
N THR A 91 7.04 1.73 -0.01
CA THR A 91 6.41 2.84 -0.70
C THR A 91 7.43 3.53 -1.59
N THR A 92 6.99 4.48 -2.41
CA THR A 92 7.91 5.17 -3.31
C THR A 92 8.32 6.55 -2.80
N PRO A 93 9.55 6.69 -2.28
CA PRO A 93 10.08 7.98 -1.81
C PRO A 93 10.01 9.08 -2.87
N LEU A 94 10.42 10.28 -2.47
CA LEU A 94 10.40 11.43 -3.36
C LEU A 94 11.31 11.23 -4.57
N GLU A 95 11.02 11.95 -5.63
CA GLU A 95 11.79 11.87 -6.86
C GLU A 95 11.59 13.13 -7.69
N ASN A 96 12.50 13.38 -8.59
CA ASN A 96 12.40 14.54 -9.46
C ASN A 96 11.39 14.25 -10.57
N SER B 1 -5.60 6.92 -16.01
CA SER B 1 -5.27 6.39 -14.68
C SER B 1 -6.32 6.82 -13.67
N TRP B 2 -6.69 5.89 -12.78
CA TRP B 2 -7.70 6.15 -11.75
C TRP B 2 -9.05 6.34 -12.43
N GLU B 3 -9.37 5.41 -13.32
CA GLU B 3 -10.62 5.45 -14.06
C GLU B 3 -11.80 5.05 -13.18
N SER B 4 -11.52 4.33 -12.10
CA SER B 4 -12.57 3.90 -11.17
C SER B 4 -11.98 3.29 -9.90
N HIS B 5 -12.86 2.93 -8.98
CA HIS B 5 -12.48 2.31 -7.71
C HIS B 5 -12.98 0.88 -7.68
N LYS B 6 -13.11 0.29 -8.86
CA LYS B 6 -13.61 -1.08 -9.00
C LYS B 6 -12.57 -2.13 -8.61
N SER B 7 -11.74 -1.81 -7.63
CA SER B 7 -10.74 -2.74 -7.14
C SER B 7 -11.07 -3.19 -5.72
N GLY B 8 -12.24 -2.77 -5.25
CA GLY B 8 -12.69 -3.12 -3.92
C GLY B 8 -13.50 -2.00 -3.29
N GLY B 9 -13.64 -2.03 -1.98
CA GLY B 9 -14.38 -1.00 -1.29
C GLY B 9 -13.51 -0.16 -0.38
N GLU B 10 -13.43 -0.56 0.87
CA GLU B 10 -12.62 0.15 1.85
C GLU B 10 -12.25 -0.78 3.00
N THR B 11 -11.05 -1.34 2.93
CA THR B 11 -10.57 -2.25 3.97
C THR B 11 -9.21 -1.78 4.48
N ARG B 12 -9.23 -0.79 5.36
CA ARG B 12 -8.00 -0.25 5.93
C ARG B 12 -7.34 -1.28 6.85
N LEU B 13 -6.07 -1.08 7.16
CA LEU B 13 -5.33 -2.01 8.01
C LEU B 13 -5.44 -1.60 9.47
N GLY A 1 12.65 8.36 -11.92
CA GLY A 1 12.10 7.75 -10.68
C GLY A 1 13.20 7.38 -9.70
N GLY A 2 13.26 6.12 -9.33
CA GLY A 2 14.27 5.66 -8.40
C GLY A 2 14.33 4.15 -8.31
N SER A 3 15.10 3.64 -7.35
CA SER A 3 15.22 2.21 -7.17
C SER A 3 15.42 1.89 -5.69
N MET A 4 15.11 0.65 -5.31
CA MET A 4 15.25 0.18 -3.92
C MET A 4 14.32 0.96 -2.99
N ARG A 5 13.05 0.58 -3.01
CA ARG A 5 12.06 1.24 -2.17
C ARG A 5 12.27 0.83 -0.71
N PRO A 6 12.13 1.76 0.24
CA PRO A 6 12.32 1.49 1.67
C PRO A 6 11.05 1.01 2.36
N PRO A 7 11.00 -0.28 2.76
CA PRO A 7 9.84 -0.83 3.44
C PRO A 7 9.71 -0.35 4.87
N ILE A 8 8.60 0.27 5.16
CA ILE A 8 8.31 0.75 6.49
C ILE A 8 7.76 -0.39 7.30
N ILE A 9 8.52 -0.84 8.26
CA ILE A 9 8.10 -1.95 9.09
C ILE A 9 7.08 -1.49 10.13
N ILE A 10 5.80 -1.73 9.87
CA ILE A 10 4.77 -1.37 10.83
C ILE A 10 4.81 -2.41 11.93
N HIS A 11 4.20 -2.10 13.06
CA HIS A 11 4.16 -3.02 14.17
C HIS A 11 2.78 -2.92 14.80
N ARG A 12 1.98 -3.95 14.59
CA ARG A 12 0.63 -3.98 15.10
C ARG A 12 0.64 -3.96 16.63
N ALA A 13 0.18 -2.84 17.19
CA ALA A 13 0.10 -2.67 18.63
C ALA A 13 -1.15 -3.32 19.19
N GLY A 14 -1.41 -4.55 18.75
CA GLY A 14 -2.58 -5.28 19.21
C GLY A 14 -3.86 -4.80 18.54
N LYS A 15 -3.74 -3.82 17.67
CA LYS A 15 -4.89 -3.29 16.97
C LYS A 15 -4.75 -3.45 15.45
N LYS A 16 -4.03 -2.54 14.82
CA LYS A 16 -3.85 -2.58 13.37
C LYS A 16 -2.56 -1.86 12.98
N TYR A 17 -2.29 -1.82 11.68
CA TYR A 17 -1.09 -1.16 11.15
C TYR A 17 -1.37 0.31 10.91
N GLY A 18 -2.56 0.74 11.31
CA GLY A 18 -2.97 2.12 11.21
C GLY A 18 -2.85 2.77 9.86
N PHE A 19 -3.35 2.14 8.82
CA PHE A 19 -3.34 2.75 7.48
C PHE A 19 -4.26 2.05 6.51
N THR A 20 -4.80 2.87 5.62
CA THR A 20 -5.74 2.43 4.59
C THR A 20 -5.04 2.07 3.27
N LEU A 21 -5.10 0.81 2.87
CA LEU A 21 -4.48 0.37 1.61
C LEU A 21 -5.47 0.51 0.45
N ARG A 22 -5.56 1.71 -0.10
CA ARG A 22 -6.45 1.97 -1.22
C ARG A 22 -5.99 1.23 -2.48
N ALA A 23 -6.94 0.68 -3.24
CA ALA A 23 -6.60 -0.04 -4.46
C ALA A 23 -6.94 0.80 -5.68
N ILE A 24 -6.07 0.79 -6.68
CA ILE A 24 -6.32 1.56 -7.89
C ILE A 24 -5.85 0.82 -9.14
N ARG A 25 -6.59 1.00 -10.22
CA ARG A 25 -6.25 0.38 -11.49
C ARG A 25 -5.92 1.46 -12.51
N VAL A 26 -4.65 1.82 -12.58
CA VAL A 26 -4.21 2.86 -13.51
C VAL A 26 -4.15 2.33 -14.94
N TYR A 27 -4.95 2.93 -15.81
CA TYR A 27 -5.00 2.53 -17.21
C TYR A 27 -3.82 3.07 -17.98
N MET A 28 -3.49 2.41 -19.09
CA MET A 28 -2.38 2.83 -19.93
C MET A 28 -2.77 2.77 -21.40
N GLY A 29 -3.47 3.78 -21.87
CA GLY A 29 -3.88 3.83 -23.26
C GLY A 29 -5.38 3.81 -23.41
N ASP A 30 -5.84 3.39 -24.58
CA ASP A 30 -7.28 3.34 -24.87
C ASP A 30 -7.84 1.95 -24.56
N SER A 31 -6.96 0.97 -24.48
CA SER A 31 -7.36 -0.40 -24.21
C SER A 31 -7.74 -0.58 -22.73
N ASP A 32 -8.27 -1.74 -22.40
CA ASP A 32 -8.67 -2.03 -21.02
C ASP A 32 -7.46 -2.47 -20.18
N VAL A 33 -6.27 -2.07 -20.63
CA VAL A 33 -5.05 -2.39 -19.93
C VAL A 33 -4.82 -1.42 -18.80
N TYR A 34 -4.61 -1.98 -17.62
CA TYR A 34 -4.38 -1.18 -16.44
C TYR A 34 -3.42 -1.90 -15.49
N THR A 35 -2.77 -1.15 -14.63
CA THR A 35 -1.87 -1.72 -13.66
C THR A 35 -2.49 -1.63 -12.27
N VAL A 36 -2.61 -2.76 -11.61
CA VAL A 36 -3.21 -2.80 -10.29
C VAL A 36 -2.19 -2.43 -9.23
N HIS A 37 -2.29 -1.20 -8.75
CA HIS A 37 -1.38 -0.71 -7.72
C HIS A 37 -2.16 -0.41 -6.45
N HIS A 38 -1.48 0.13 -5.46
CA HIS A 38 -2.10 0.46 -4.17
C HIS A 38 -1.41 1.68 -3.58
N MET A 39 -2.13 2.42 -2.77
CA MET A 39 -1.59 3.63 -2.16
C MET A 39 -2.23 3.85 -0.81
N VAL A 40 -1.42 4.29 0.14
CA VAL A 40 -1.91 4.55 1.49
C VAL A 40 -2.77 5.82 1.47
N TRP A 41 -4.07 5.59 1.55
CA TRP A 41 -5.05 6.66 1.52
C TRP A 41 -5.00 7.50 2.79
N HIS A 42 -4.88 6.80 3.91
CA HIS A 42 -4.85 7.44 5.20
C HIS A 42 -4.12 6.57 6.19
N VAL A 43 -3.21 7.16 6.93
CA VAL A 43 -2.48 6.41 7.93
C VAL A 43 -2.55 7.11 9.29
N GLU A 44 -2.90 6.34 10.28
CA GLU A 44 -3.05 6.80 11.64
C GLU A 44 -1.72 7.22 12.24
N ASP A 45 -1.60 8.50 12.54
CA ASP A 45 -0.39 9.07 13.13
C ASP A 45 -0.39 8.89 14.64
N GLY A 46 -0.93 7.76 15.09
CA GLY A 46 -1.00 7.48 16.50
C GLY A 46 0.07 6.53 16.99
N GLY A 47 0.58 5.67 16.12
CA GLY A 47 1.59 4.73 16.54
C GLY A 47 2.10 3.80 15.46
N PRO A 48 1.20 3.08 14.76
CA PRO A 48 1.58 2.13 13.69
C PRO A 48 2.38 2.69 12.51
N ALA A 49 1.90 2.40 11.29
CA ALA A 49 2.54 2.77 10.04
C ALA A 49 3.06 4.21 9.99
N SER A 50 2.30 5.16 10.50
CA SER A 50 2.71 6.56 10.46
C SER A 50 3.99 6.83 11.23
N GLU A 51 3.96 6.59 12.54
CA GLU A 51 5.10 6.82 13.40
C GLU A 51 6.28 5.95 13.00
N ALA A 52 5.98 4.85 12.32
CA ALA A 52 6.99 3.92 11.86
C ALA A 52 7.79 4.53 10.71
N GLY A 53 7.19 5.49 10.01
CA GLY A 53 7.86 6.13 8.90
C GLY A 53 6.97 6.32 7.69
N LEU A 54 5.84 5.64 7.67
CA LEU A 54 4.90 5.74 6.55
C LEU A 54 4.23 7.10 6.54
N ARG A 55 4.54 7.86 5.51
CA ARG A 55 3.94 9.18 5.35
C ARG A 55 2.72 9.07 4.46
N GLN A 56 1.57 9.53 4.96
CA GLN A 56 0.33 9.50 4.20
C GLN A 56 0.52 10.09 2.81
N GLY A 57 -0.02 9.40 1.81
CA GLY A 57 0.11 9.84 0.45
C GLY A 57 1.35 9.28 -0.21
N ASP A 58 1.42 7.95 -0.28
CA ASP A 58 2.54 7.25 -0.88
C ASP A 58 2.03 6.06 -1.68
N LEU A 59 2.81 5.65 -2.65
CA LEU A 59 2.44 4.53 -3.52
C LEU A 59 3.22 3.29 -3.10
N ILE A 60 2.48 2.22 -2.82
CA ILE A 60 3.10 0.96 -2.40
C ILE A 60 3.57 0.18 -3.61
N THR A 61 4.85 -0.14 -3.63
CA THR A 61 5.43 -0.90 -4.71
C THR A 61 5.61 -2.36 -4.33
N HIS A 62 5.90 -2.60 -3.05
CA HIS A 62 6.10 -3.95 -2.55
C HIS A 62 5.60 -4.08 -1.11
N VAL A 63 5.41 -5.32 -0.68
CA VAL A 63 4.99 -5.60 0.67
C VAL A 63 5.62 -6.91 1.15
N ASN A 64 6.47 -6.81 2.15
CA ASN A 64 7.17 -7.97 2.71
C ASN A 64 7.96 -8.69 1.63
N GLY A 65 8.47 -7.93 0.68
CA GLY A 65 9.22 -8.51 -0.41
C GLY A 65 8.33 -9.31 -1.33
N GLU A 66 7.20 -8.72 -1.69
CA GLU A 66 6.22 -9.37 -2.53
C GLU A 66 5.48 -8.31 -3.35
N PRO A 67 5.90 -8.18 -4.62
CA PRO A 67 5.29 -7.26 -5.59
C PRO A 67 3.79 -7.17 -5.42
N VAL A 68 3.33 -5.95 -5.25
CA VAL A 68 1.91 -5.68 -5.07
C VAL A 68 1.26 -5.52 -6.42
N HIS A 69 2.13 -5.42 -7.38
CA HIS A 69 1.80 -5.27 -8.76
C HIS A 69 0.88 -6.39 -9.24
N GLY A 70 -0.41 -6.12 -9.28
CA GLY A 70 -1.37 -7.13 -9.70
C GLY A 70 -2.22 -7.65 -8.57
N LEU A 71 -1.89 -7.24 -7.34
CA LEU A 71 -2.65 -7.66 -6.16
C LEU A 71 -3.94 -6.88 -6.05
N VAL A 72 -5.02 -7.54 -5.71
CA VAL A 72 -6.30 -6.88 -5.53
C VAL A 72 -6.33 -6.23 -4.14
N HIS A 73 -7.35 -5.40 -3.90
CA HIS A 73 -7.52 -4.69 -2.62
C HIS A 73 -7.26 -5.57 -1.41
N THR A 74 -7.96 -6.68 -1.37
CA THR A 74 -7.89 -7.60 -0.25
C THR A 74 -6.60 -8.41 -0.23
N GLU A 75 -5.92 -8.52 -1.36
CA GLU A 75 -4.69 -9.28 -1.43
C GLU A 75 -3.57 -8.60 -0.64
N VAL A 76 -3.45 -7.29 -0.75
CA VAL A 76 -2.41 -6.59 0.00
C VAL A 76 -2.68 -6.68 1.50
N VAL A 77 -3.94 -6.46 1.86
CA VAL A 77 -4.38 -6.56 3.24
C VAL A 77 -4.00 -7.93 3.80
N GLU A 78 -4.30 -8.98 3.04
CA GLU A 78 -3.97 -10.33 3.45
C GLU A 78 -2.46 -10.51 3.55
N LEU A 79 -1.73 -10.02 2.56
CA LEU A 79 -0.26 -10.10 2.56
C LEU A 79 0.29 -9.53 3.85
N ILE A 80 -0.31 -8.43 4.29
CA ILE A 80 0.09 -7.77 5.51
C ILE A 80 -0.28 -8.60 6.75
N LEU A 81 -1.55 -8.97 6.84
CA LEU A 81 -2.03 -9.77 7.96
C LEU A 81 -1.26 -11.09 8.10
N LYS A 82 -0.95 -11.68 6.94
CA LYS A 82 -0.22 -12.93 6.88
C LYS A 82 1.16 -12.82 7.54
N SER A 83 1.79 -11.67 7.35
CA SER A 83 3.12 -11.40 7.91
C SER A 83 3.15 -11.60 9.42
N GLY A 84 2.10 -11.18 10.12
CA GLY A 84 2.06 -11.33 11.56
C GLY A 84 1.81 -10.03 12.29
N ASN A 85 2.48 -9.86 13.43
CA ASN A 85 2.31 -8.64 14.23
C ASN A 85 3.01 -7.43 13.63
N LYS A 86 3.56 -7.59 12.44
CA LYS A 86 4.22 -6.51 11.74
C LYS A 86 4.37 -6.84 10.27
N VAL A 87 4.80 -5.84 9.51
CA VAL A 87 4.96 -6.02 8.06
C VAL A 87 5.80 -4.91 7.41
N ALA A 88 6.54 -5.28 6.37
CA ALA A 88 7.40 -4.36 5.64
C ALA A 88 6.70 -3.79 4.41
N ILE A 89 6.09 -2.63 4.55
CA ILE A 89 5.40 -1.99 3.44
C ILE A 89 6.37 -1.11 2.64
N SER A 90 6.60 -1.45 1.39
CA SER A 90 7.53 -0.69 0.56
C SER A 90 6.79 0.37 -0.26
N THR A 91 7.06 1.64 0.05
CA THR A 91 6.45 2.74 -0.67
C THR A 91 7.48 3.41 -1.58
N THR A 92 7.09 4.45 -2.30
CA THR A 92 8.02 5.10 -3.21
C THR A 92 8.33 6.55 -2.79
N PRO A 93 9.53 6.76 -2.20
CA PRO A 93 9.96 8.09 -1.77
C PRO A 93 9.95 9.14 -2.88
N LEU A 94 10.24 10.37 -2.51
CA LEU A 94 10.27 11.49 -3.45
C LEU A 94 11.37 11.32 -4.49
N GLU A 95 11.26 12.06 -5.59
CA GLU A 95 12.24 12.01 -6.66
C GLU A 95 12.13 13.27 -7.53
N ASN A 96 13.23 13.62 -8.18
CA ASN A 96 13.25 14.81 -9.03
C ASN A 96 12.59 14.51 -10.37
N SER B 1 -3.34 9.26 -14.96
CA SER B 1 -4.46 8.36 -15.31
C SER B 1 -5.11 7.80 -14.06
N TRP B 2 -6.39 8.14 -13.86
CA TRP B 2 -7.15 7.68 -12.70
C TRP B 2 -8.60 8.12 -12.80
N GLU B 3 -9.49 7.15 -12.92
CA GLU B 3 -10.92 7.44 -13.00
C GLU B 3 -11.51 7.53 -11.60
N SER B 4 -11.90 6.38 -11.06
CA SER B 4 -12.47 6.31 -9.71
C SER B 4 -11.89 5.10 -8.98
N HIS B 5 -12.56 4.68 -7.91
CA HIS B 5 -12.10 3.53 -7.15
C HIS B 5 -13.13 2.40 -7.25
N LYS B 6 -12.88 1.46 -8.16
CA LYS B 6 -13.75 0.31 -8.34
C LYS B 6 -12.90 -0.95 -8.37
N SER B 7 -11.72 -0.85 -7.76
CA SER B 7 -10.78 -1.95 -7.69
C SER B 7 -11.00 -2.78 -6.43
N GLY B 8 -12.04 -2.43 -5.69
CA GLY B 8 -12.36 -3.14 -4.46
C GLY B 8 -13.05 -2.24 -3.48
N GLY B 9 -13.14 -2.68 -2.23
CA GLY B 9 -13.79 -1.89 -1.20
C GLY B 9 -12.83 -0.92 -0.55
N GLU B 10 -12.99 -0.72 0.75
CA GLU B 10 -12.14 0.19 1.50
C GLU B 10 -11.63 -0.48 2.77
N THR B 11 -11.30 -1.76 2.63
CA THR B 11 -10.77 -2.53 3.75
C THR B 11 -9.37 -2.05 4.10
N ARG B 12 -9.27 -1.30 5.19
CA ARG B 12 -8.01 -0.74 5.61
C ARG B 12 -7.33 -1.61 6.66
N LEU B 13 -6.08 -1.30 6.92
CA LEU B 13 -5.28 -2.02 7.90
C LEU B 13 -5.31 -1.27 9.23
#